data_8WCN
#
_entry.id   8WCN
#
_cell.length_a   1.00
_cell.length_b   1.00
_cell.length_c   1.00
_cell.angle_alpha   90.00
_cell.angle_beta   90.00
_cell.angle_gamma   90.00
#
_symmetry.space_group_name_H-M   'P 1'
#
loop_
_entity.id
_entity.type
_entity.pdbx_description
1 polymer 'Diguanylate cyclase'
2 non-polymer 'PHOSPHOMETHYLPHOSPHONIC ACID GUANYLATE ESTER'
3 non-polymer 'MAGNESIUM ION'
#
_entity_poly.entity_id   1
_entity_poly.type   'polypeptide(L)'
_entity_poly.pdbx_seq_one_letter_code
;MGSDYDIPTTENLYFQGSMLARDSLVQAGLPDNPYARQLRNGFRWLRFEKELENEFREFLSWNSLMQRRAAIGVAFLIWA
LFIVADWMMVDIRLHPSLFEQLLGVRLGMIGLLLVVWPAAFLPSLRKVGDAIAPYCLLLINLAVLACDVLFEWHGVPRFT
QLGATLGILAVFFPLGLAFWACVRLALLCLALNLAVFLLFGGEENLRTNLLNTLYNGLVVLICSFALYLQDYAQREQFLG
RRLLGMMAEQDSLTGLVNRRYYELLAQRALEQGAREEKGVALILVDVDDFKAYNDHYGHPAGDAALRQLGVVLRQGARRP
LDIAARLGGEEFAVLLYDSEEGNTLAIAERLRQAVEALGIEHLGSSAGPCLTISLGVAYSTSGMGLDALYREADRALYEA
KDAGRNAVRVAFRQHDRLEGSFLSAWSHPQFEKGGGSGGGSGGGSWSHPQFEKLEHHHHHH
;
_entity_poly.pdbx_strand_id   A,B
#
loop_
_chem_comp.id
_chem_comp.type
_chem_comp.name
_chem_comp.formula
G2P non-polymer 'PHOSPHOMETHYLPHOSPHONIC ACID GUANYLATE ESTER' 'C11 H18 N5 O13 P3'
MG non-polymer 'MAGNESIUM ION' 'Mg 2'
#
# COMPACT_ATOMS: atom_id res chain seq x y z
N ASP A 32 5.64 18.17 -4.85
CA ASP A 32 5.27 17.04 -5.69
C ASP A 32 3.77 16.77 -5.61
N ASN A 33 3.40 15.50 -5.72
CA ASN A 33 2.00 15.13 -5.66
C ASN A 33 1.46 15.33 -4.25
N PRO A 34 0.16 15.69 -4.12
CA PRO A 34 -0.44 15.70 -2.78
C PRO A 34 -0.42 14.34 -2.11
N TYR A 35 -0.56 13.26 -2.89
CA TYR A 35 -0.49 11.92 -2.32
C TYR A 35 0.90 11.61 -1.79
N ALA A 36 1.93 11.94 -2.57
CA ALA A 36 3.30 11.72 -2.11
C ALA A 36 3.61 12.61 -0.91
N ARG A 37 3.05 13.82 -0.89
CA ARG A 37 3.31 14.74 0.22
C ARG A 37 2.80 14.16 1.54
N GLN A 38 1.61 13.57 1.53
CA GLN A 38 1.05 12.99 2.74
C GLN A 38 1.89 11.81 3.22
N LEU A 39 2.30 10.94 2.29
CA LEU A 39 3.06 9.74 2.66
C LEU A 39 4.39 10.11 3.31
N ARG A 40 5.09 11.10 2.74
CA ARG A 40 6.33 11.56 3.36
C ARG A 40 6.06 12.20 4.72
N ASN A 41 4.97 12.96 4.83
CA ASN A 41 4.65 13.60 6.10
C ASN A 41 4.31 12.60 7.19
N GLY A 42 3.69 11.48 6.82
CA GLY A 42 3.21 10.55 7.82
C GLY A 42 1.80 10.86 8.25
N PHE A 43 1.09 9.80 8.66
CA PHE A 43 -0.33 9.93 9.00
C PHE A 43 -0.64 9.18 10.27
N ARG A 44 0.24 9.26 11.27
CA ARG A 44 -0.11 8.76 12.59
C ARG A 44 -1.27 9.57 13.15
N TRP A 45 -2.09 8.92 13.96
CA TRP A 45 -3.38 9.38 14.48
C TRP A 45 -4.46 9.27 13.41
N LEU A 46 -4.14 8.81 12.20
CA LEU A 46 -5.11 8.46 11.17
C LEU A 46 -6.01 9.65 10.80
N ARG A 47 -5.38 10.67 10.22
CA ARG A 47 -6.10 11.82 9.72
C ARG A 47 -5.43 12.33 8.46
N PHE A 48 -6.20 12.42 7.37
CA PHE A 48 -5.72 12.95 6.10
C PHE A 48 -6.06 14.43 5.99
N GLU A 49 -5.65 15.03 4.88
CA GLU A 49 -6.07 16.39 4.55
C GLU A 49 -7.55 16.39 4.16
N LYS A 50 -8.16 17.58 4.22
CA LYS A 50 -9.60 17.69 3.98
C LYS A 50 -9.96 17.13 2.61
N GLU A 51 -9.22 17.51 1.57
CA GLU A 51 -9.47 16.96 0.24
C GLU A 51 -9.14 15.48 0.18
N LEU A 52 -8.03 15.08 0.81
CA LEU A 52 -7.65 13.67 0.82
C LEU A 52 -8.62 12.84 1.63
N GLU A 53 -9.04 13.34 2.80
CA GLU A 53 -9.97 12.59 3.63
C GLU A 53 -11.31 12.39 2.93
N ASN A 54 -11.80 13.43 2.26
CA ASN A 54 -13.04 13.29 1.50
C ASN A 54 -12.89 12.26 0.39
N GLU A 55 -11.74 12.26 -0.30
CA GLU A 55 -11.47 11.22 -1.27
C GLU A 55 -11.37 9.86 -0.60
N PHE A 56 -10.72 9.80 0.58
CA PHE A 56 -10.59 8.53 1.29
C PHE A 56 -11.95 8.02 1.74
N ARG A 57 -12.79 8.91 2.27
CA ARG A 57 -14.12 8.48 2.72
C ARG A 57 -14.94 7.94 1.57
N GLU A 58 -14.90 8.61 0.42
CA GLU A 58 -15.54 8.06 -0.78
C GLU A 58 -14.90 6.75 -1.18
N PHE A 59 -13.58 6.66 -1.07
CA PHE A 59 -12.90 5.39 -1.30
C PHE A 59 -13.35 4.33 -0.31
N LEU A 60 -13.49 4.72 0.97
CA LEU A 60 -13.94 3.78 1.97
C LEU A 60 -15.36 3.28 1.69
N SER A 61 -16.26 4.21 1.34
CA SER A 61 -17.65 3.83 1.08
C SER A 61 -17.76 2.94 -0.16
N TRP A 62 -16.98 3.23 -1.20
CA TRP A 62 -17.05 2.45 -2.42
C TRP A 62 -16.66 1.00 -2.21
N ASN A 63 -15.58 0.77 -1.45
CA ASN A 63 -15.10 -0.59 -1.25
C ASN A 63 -15.84 -1.32 -0.14
N SER A 64 -16.61 -0.61 0.68
CA SER A 64 -17.33 -1.21 1.79
C SER A 64 -18.74 -1.66 1.42
N LEU A 65 -19.14 -1.49 0.16
CA LEU A 65 -20.49 -1.85 -0.23
C LEU A 65 -20.77 -3.33 0.01
N MET A 66 -19.78 -4.20 -0.26
CA MET A 66 -19.95 -5.62 -0.02
C MET A 66 -20.13 -5.92 1.46
N GLN A 67 -19.49 -5.16 2.35
CA GLN A 67 -19.55 -5.47 3.77
C GLN A 67 -20.96 -5.29 4.33
N ARG A 68 -21.75 -4.37 3.78
CA ARG A 68 -23.11 -4.18 4.29
C ARG A 68 -23.98 -5.39 4.02
N ARG A 69 -23.64 -6.19 3.01
CA ARG A 69 -24.38 -7.42 2.76
C ARG A 69 -24.26 -8.38 3.94
N ALA A 70 -23.05 -8.52 4.49
CA ALA A 70 -22.85 -9.40 5.63
C ALA A 70 -23.39 -8.81 6.91
N ALA A 71 -23.26 -7.49 7.07
CA ALA A 71 -23.73 -6.83 8.29
C ALA A 71 -25.22 -6.98 8.47
N ILE A 72 -25.98 -6.80 7.39
CA ILE A 72 -27.43 -7.01 7.47
C ILE A 72 -27.73 -8.49 7.71
N GLY A 73 -26.95 -9.38 7.11
CA GLY A 73 -27.18 -10.80 7.29
C GLY A 73 -26.97 -11.25 8.73
N VAL A 74 -25.87 -10.81 9.35
CA VAL A 74 -25.56 -11.27 10.70
C VAL A 74 -26.53 -10.64 11.70
N ALA A 75 -26.85 -9.36 11.54
CA ALA A 75 -27.76 -8.71 12.49
C ALA A 75 -29.14 -9.35 12.46
N PHE A 76 -29.62 -9.70 11.26
CA PHE A 76 -30.87 -10.45 11.16
C PHE A 76 -30.72 -11.83 11.77
N LEU A 77 -29.59 -12.49 11.52
CA LEU A 77 -29.38 -13.83 12.06
C LEU A 77 -29.21 -13.80 13.57
N ILE A 78 -28.45 -12.83 14.09
CA ILE A 78 -28.19 -12.76 15.52
C ILE A 78 -29.47 -12.52 16.30
N TRP A 79 -30.27 -11.56 15.86
CA TRP A 79 -31.50 -11.25 16.58
C TRP A 79 -32.52 -12.38 16.46
N ALA A 80 -32.53 -13.08 15.33
CA ALA A 80 -33.38 -14.26 15.21
C ALA A 80 -32.97 -15.33 16.21
N LEU A 81 -31.65 -15.52 16.39
CA LEU A 81 -31.17 -16.48 17.37
C LEU A 81 -31.48 -16.06 18.80
N PHE A 82 -31.50 -14.74 19.05
CA PHE A 82 -31.87 -14.25 20.38
C PHE A 82 -33.30 -14.63 20.72
N ILE A 83 -34.20 -14.55 19.74
CA ILE A 83 -35.60 -14.89 19.97
C ILE A 83 -35.73 -16.37 20.34
N VAL A 84 -35.02 -17.23 19.61
CA VAL A 84 -35.09 -18.67 19.87
C VAL A 84 -34.57 -18.97 21.27
N ALA A 85 -33.47 -18.36 21.65
CA ALA A 85 -32.90 -18.60 22.99
C ALA A 85 -33.85 -18.15 24.08
N ASP A 86 -34.50 -16.99 23.90
CA ASP A 86 -35.42 -16.49 24.91
C ASP A 86 -36.60 -17.44 25.11
N TRP A 87 -37.18 -17.92 24.01
CA TRP A 87 -38.28 -18.87 24.10
C TRP A 87 -37.81 -20.25 24.55
N MET A 88 -36.51 -20.53 24.45
CA MET A 88 -36.01 -21.88 24.74
C MET A 88 -36.26 -22.26 26.19
N MET A 89 -36.01 -21.34 27.12
CA MET A 89 -36.06 -21.69 28.54
C MET A 89 -37.03 -20.86 29.37
N VAL A 90 -37.41 -19.66 28.91
CA VAL A 90 -38.29 -18.81 29.72
C VAL A 90 -39.61 -19.53 29.97
N ASP A 91 -40.04 -19.55 31.23
CA ASP A 91 -41.27 -20.21 31.62
C ASP A 91 -42.45 -19.35 31.20
N ILE A 92 -43.11 -19.72 30.10
CA ILE A 92 -44.28 -18.99 29.65
C ILE A 92 -45.43 -19.16 30.63
N ARG A 93 -45.55 -20.35 31.22
CA ARG A 93 -46.63 -20.60 32.18
C ARG A 93 -46.52 -19.69 33.39
N LEU A 94 -45.30 -19.52 33.92
CA LEU A 94 -45.13 -18.69 35.12
C LEU A 94 -45.11 -17.21 34.76
N HIS A 95 -44.42 -16.84 33.68
CA HIS A 95 -44.29 -15.44 33.27
C HIS A 95 -44.62 -15.31 31.79
N PRO A 96 -45.90 -15.28 31.45
CA PRO A 96 -46.28 -15.09 30.04
C PRO A 96 -46.12 -13.64 29.60
N SER A 97 -46.35 -12.71 30.52
CA SER A 97 -46.22 -11.29 30.19
C SER A 97 -44.79 -10.94 29.81
N LEU A 98 -43.81 -11.47 30.56
CA LEU A 98 -42.41 -11.19 30.27
C LEU A 98 -42.04 -11.68 28.88
N PHE A 99 -42.46 -12.89 28.53
CA PHE A 99 -42.12 -13.45 27.22
C PHE A 99 -42.75 -12.62 26.10
N GLU A 100 -43.98 -12.16 26.29
CA GLU A 100 -44.65 -11.38 25.26
C GLU A 100 -43.97 -10.03 25.06
N GLN A 101 -43.58 -9.37 26.15
CA GLN A 101 -42.93 -8.07 26.01
C GLN A 101 -41.58 -8.19 25.32
N LEU A 102 -40.80 -9.20 25.68
CA LEU A 102 -39.52 -9.42 25.02
C LEU A 102 -39.70 -9.77 23.55
N LEU A 103 -40.71 -10.60 23.26
CA LEU A 103 -40.97 -10.98 21.87
C LEU A 103 -41.34 -9.78 21.02
N GLY A 104 -42.06 -8.81 21.60
CA GLY A 104 -42.40 -7.61 20.86
C GLY A 104 -41.19 -6.76 20.53
N VAL A 105 -40.28 -6.61 21.51
CA VAL A 105 -39.12 -5.75 21.30
C VAL A 105 -38.21 -6.33 20.22
N ARG A 106 -37.94 -7.62 20.29
CA ARG A 106 -37.00 -8.23 19.35
C ARG A 106 -37.54 -8.19 17.92
N LEU A 107 -38.83 -8.47 17.73
CA LEU A 107 -39.41 -8.40 16.39
C LEU A 107 -39.41 -6.96 15.87
N GLY A 108 -39.43 -5.99 16.78
CA GLY A 108 -39.44 -4.60 16.35
C GLY A 108 -38.20 -4.22 15.57
N MET A 109 -37.03 -4.59 16.08
CA MET A 109 -35.79 -4.28 15.37
C MET A 109 -35.64 -5.10 14.09
N ILE A 110 -36.14 -6.34 14.09
CA ILE A 110 -36.17 -7.11 12.86
C ILE A 110 -37.01 -6.41 11.80
N GLY A 111 -38.13 -5.84 12.22
CA GLY A 111 -38.89 -4.98 11.32
C GLY A 111 -38.09 -3.76 10.90
N LEU A 112 -37.33 -3.17 11.83
CA LEU A 112 -36.46 -2.06 11.49
C LEU A 112 -35.35 -2.52 10.54
N LEU A 113 -34.88 -3.74 10.71
CA LEU A 113 -33.86 -4.26 9.80
C LEU A 113 -34.42 -4.51 8.41
N LEU A 114 -35.71 -4.85 8.31
CA LEU A 114 -36.30 -5.06 7.00
C LEU A 114 -36.72 -3.76 6.33
N VAL A 115 -36.75 -2.65 7.07
CA VAL A 115 -37.07 -1.36 6.45
C VAL A 115 -35.80 -0.59 6.10
N VAL A 116 -34.68 -0.87 6.76
CA VAL A 116 -33.41 -0.24 6.40
C VAL A 116 -32.73 -1.04 5.29
N TRP A 117 -33.01 -2.34 5.22
CA TRP A 117 -32.43 -3.19 4.18
C TRP A 117 -32.66 -2.67 2.77
N PRO A 118 -33.85 -2.22 2.37
CA PRO A 118 -33.98 -1.65 1.02
C PRO A 118 -33.21 -0.35 0.85
N ALA A 119 -32.85 0.32 1.94
CA ALA A 119 -32.12 1.58 1.86
C ALA A 119 -30.61 1.40 1.90
N ALA A 120 -30.11 0.17 1.95
CA ALA A 120 -28.68 -0.09 2.01
C ALA A 120 -28.14 -0.85 0.82
N PHE A 121 -28.94 -1.69 0.18
CA PHE A 121 -28.49 -2.47 -0.96
C PHE A 121 -28.60 -1.73 -2.29
N LEU A 122 -29.32 -0.61 -2.33
CA LEU A 122 -29.51 0.12 -3.57
C LEU A 122 -28.35 1.06 -3.81
N PRO A 123 -27.58 0.89 -4.89
CA PRO A 123 -26.44 1.79 -5.12
C PRO A 123 -26.85 3.24 -5.36
N SER A 124 -28.11 3.49 -5.73
CA SER A 124 -28.53 4.85 -6.05
C SER A 124 -28.46 5.77 -4.83
N LEU A 125 -28.69 5.22 -3.63
CA LEU A 125 -28.65 5.99 -2.40
C LEU A 125 -27.69 5.37 -1.39
N ARG A 126 -26.50 4.96 -1.87
CA ARG A 126 -25.51 4.38 -0.97
C ARG A 126 -25.05 5.38 0.08
N LYS A 127 -25.07 6.68 -0.25
CA LYS A 127 -24.77 7.68 0.76
C LYS A 127 -25.83 7.71 1.84
N VAL A 128 -27.09 7.49 1.45
CA VAL A 128 -28.16 7.35 2.45
C VAL A 128 -27.96 6.06 3.25
N GLY A 129 -27.46 5.00 2.61
CA GLY A 129 -27.31 3.73 3.30
C GLY A 129 -26.37 3.81 4.49
N ASP A 130 -25.31 4.60 4.37
CA ASP A 130 -24.38 4.80 5.48
C ASP A 130 -24.62 6.11 6.21
N ALA A 131 -25.73 6.78 5.91
CA ALA A 131 -26.15 7.95 6.66
C ALA A 131 -26.87 7.60 7.93
N ILE A 132 -27.15 6.31 8.16
CA ILE A 132 -27.91 5.86 9.32
C ILE A 132 -27.16 4.74 10.02
N ALA A 133 -25.92 4.48 9.58
CA ALA A 133 -25.14 3.41 10.18
C ALA A 133 -24.89 3.61 11.66
N PRO A 134 -24.47 4.80 12.15
CA PRO A 134 -24.48 5.01 13.60
C PRO A 134 -25.87 4.91 14.20
N TYR A 135 -26.90 5.31 13.46
CA TYR A 135 -28.27 5.20 13.96
C TYR A 135 -28.69 3.74 14.11
N CYS A 136 -28.38 2.92 13.10
CA CYS A 136 -28.81 1.53 13.14
C CYS A 136 -28.12 0.77 14.26
N LEU A 137 -26.83 1.01 14.48
CA LEU A 137 -26.11 0.29 15.53
C LEU A 137 -26.60 0.67 16.92
N LEU A 138 -26.91 1.94 17.14
CA LEU A 138 -27.38 2.38 18.45
C LEU A 138 -28.71 1.72 18.79
N LEU A 139 -29.61 1.61 17.82
CA LEU A 139 -30.89 0.94 18.06
C LEU A 139 -30.68 -0.52 18.43
N ILE A 140 -29.72 -1.19 17.79
CA ILE A 140 -29.42 -2.58 18.10
C ILE A 140 -28.94 -2.70 19.54
N ASN A 141 -28.07 -1.78 19.97
CA ASN A 141 -27.61 -1.79 21.36
C ASN A 141 -28.77 -1.55 22.32
N LEU A 142 -29.71 -0.68 21.94
CA LEU A 142 -30.84 -0.38 22.82
C LEU A 142 -31.69 -1.62 23.07
N ALA A 143 -31.94 -2.40 22.03
CA ALA A 143 -32.78 -3.60 22.20
C ALA A 143 -32.03 -4.68 22.97
N VAL A 144 -30.71 -4.69 22.92
CA VAL A 144 -29.93 -5.66 23.68
C VAL A 144 -30.16 -5.43 25.18
N LEU A 145 -30.16 -4.18 25.61
CA LEU A 145 -30.42 -3.88 27.02
C LEU A 145 -31.89 -3.96 27.35
N ALA A 146 -32.77 -3.56 26.43
CA ALA A 146 -34.20 -3.60 26.70
C ALA A 146 -34.71 -5.04 26.84
N CYS A 147 -34.14 -5.97 26.08
CA CYS A 147 -34.51 -7.36 26.23
C CYS A 147 -33.88 -8.00 27.46
N ASP A 148 -33.14 -7.23 28.24
CA ASP A 148 -32.58 -7.76 29.47
C ASP A 148 -33.23 -7.15 30.64
N VAL A 149 -33.26 -5.84 30.68
CA VAL A 149 -33.77 -5.20 31.88
C VAL A 149 -35.18 -5.69 32.21
N LEU A 150 -35.91 -6.21 31.23
CA LEU A 150 -37.25 -6.71 31.50
C LEU A 150 -37.23 -7.97 32.34
N PHE A 151 -36.12 -8.70 32.36
CA PHE A 151 -35.99 -9.85 33.24
C PHE A 151 -36.12 -9.44 34.70
N GLU A 152 -35.44 -8.36 35.09
CA GLU A 152 -35.56 -7.86 36.45
C GLU A 152 -36.85 -7.09 36.68
N TRP A 153 -37.49 -6.59 35.62
CA TRP A 153 -38.81 -5.99 35.77
C TRP A 153 -39.83 -7.02 36.23
N HIS A 154 -39.76 -8.22 35.68
CA HIS A 154 -40.68 -9.30 36.03
C HIS A 154 -40.13 -10.22 37.11
N GLY A 155 -39.01 -9.85 37.73
CA GLY A 155 -38.45 -10.64 38.82
C GLY A 155 -37.93 -12.01 38.43
N VAL A 156 -37.23 -12.11 37.31
CA VAL A 156 -36.60 -13.37 36.90
C VAL A 156 -35.12 -13.10 36.63
N PRO A 157 -34.21 -13.84 37.27
CA PRO A 157 -32.79 -13.62 37.04
C PRO A 157 -32.40 -13.96 35.60
N ARG A 158 -31.46 -13.19 35.07
CA ARG A 158 -31.01 -13.41 33.70
C ARG A 158 -30.05 -14.59 33.64
N PHE A 159 -29.71 -14.98 32.42
CA PHE A 159 -28.91 -16.18 32.20
C PHE A 159 -27.83 -16.03 31.13
N THR A 160 -27.76 -14.89 30.45
CA THR A 160 -26.84 -14.69 29.33
C THR A 160 -26.17 -13.33 29.42
N GLN A 161 -25.54 -13.05 30.58
CA GLN A 161 -24.84 -11.79 30.78
C GLN A 161 -23.94 -11.40 29.61
N LEU A 162 -23.53 -12.37 28.79
CA LEU A 162 -22.72 -12.08 27.61
C LEU A 162 -23.50 -11.28 26.56
N GLY A 163 -24.81 -11.15 26.72
CA GLY A 163 -25.61 -10.46 25.71
C GLY A 163 -25.21 -9.02 25.51
N ALA A 164 -24.93 -8.31 26.60
CA ALA A 164 -24.53 -6.91 26.50
C ALA A 164 -23.23 -6.75 25.74
N THR A 165 -22.34 -7.74 25.85
CA THR A 165 -21.06 -7.68 25.15
C THR A 165 -21.26 -7.72 23.64
N LEU A 166 -22.19 -8.57 23.16
CA LEU A 166 -22.41 -8.67 21.72
C LEU A 166 -22.92 -7.37 21.14
N GLY A 167 -23.61 -6.55 21.93
CA GLY A 167 -24.02 -5.24 21.47
C GLY A 167 -22.87 -4.27 21.30
N ILE A 168 -21.76 -4.52 21.98
CA ILE A 168 -20.57 -3.68 21.83
C ILE A 168 -19.72 -4.13 20.64
N LEU A 169 -19.54 -5.43 20.46
CA LEU A 169 -18.75 -5.93 19.35
C LEU A 169 -19.37 -5.61 18.00
N ALA A 170 -20.68 -5.34 17.96
CA ALA A 170 -21.30 -4.93 16.70
C ALA A 170 -20.77 -3.58 16.23
N VAL A 171 -20.31 -2.74 17.15
CA VAL A 171 -19.77 -1.44 16.77
C VAL A 171 -18.51 -1.60 15.94
N PHE A 172 -17.72 -2.62 16.24
CA PHE A 172 -16.44 -2.84 15.56
C PHE A 172 -16.58 -3.64 14.28
N PHE A 173 -17.80 -3.97 13.86
CA PHE A 173 -17.99 -4.63 12.59
C PHE A 173 -17.55 -3.71 11.46
N PRO A 174 -16.90 -4.26 10.42
CA PRO A 174 -16.39 -3.39 9.34
C PRO A 174 -17.50 -2.81 8.48
N LEU A 175 -18.10 -1.73 8.97
CA LEU A 175 -19.16 -1.02 8.24
C LEU A 175 -18.63 0.03 7.30
N GLY A 176 -17.32 0.15 7.15
CA GLY A 176 -16.75 1.19 6.31
C GLY A 176 -16.62 2.55 6.97
N LEU A 177 -16.86 2.62 8.29
CA LEU A 177 -16.71 3.87 8.99
C LEU A 177 -15.24 4.11 9.35
N ALA A 178 -14.94 5.35 9.74
CA ALA A 178 -13.58 5.72 10.10
C ALA A 178 -13.20 5.11 11.44
N PHE A 179 -11.92 5.27 11.79
CA PHE A 179 -11.44 4.76 13.07
C PHE A 179 -12.11 5.47 14.23
N TRP A 180 -12.12 6.81 14.21
CA TRP A 180 -12.66 7.56 15.33
C TRP A 180 -14.17 7.45 15.41
N ALA A 181 -14.85 7.16 14.29
CA ALA A 181 -16.28 6.95 14.33
C ALA A 181 -16.64 5.70 15.13
N CYS A 182 -15.92 4.61 14.90
CA CYS A 182 -16.19 3.37 15.62
C CYS A 182 -15.79 3.49 17.09
N VAL A 183 -14.66 4.15 17.37
CA VAL A 183 -14.17 4.25 18.74
C VAL A 183 -15.12 5.06 19.59
N ARG A 184 -15.59 6.19 19.07
CA ARG A 184 -16.52 7.02 19.85
C ARG A 184 -17.87 6.35 20.00
N LEU A 185 -18.25 5.49 19.04
CA LEU A 185 -19.53 4.81 19.12
C LEU A 185 -19.53 3.77 20.22
N ALA A 186 -18.47 2.95 20.30
CA ALA A 186 -18.41 1.91 21.31
C ALA A 186 -18.32 2.49 22.72
N LEU A 187 -17.59 3.61 22.86
CA LEU A 187 -17.53 4.28 24.16
C LEU A 187 -18.90 4.76 24.61
N LEU A 188 -19.69 5.28 23.68
CA LEU A 188 -21.07 5.67 24.01
C LEU A 188 -21.90 4.44 24.38
N CYS A 189 -21.73 3.34 23.65
CA CYS A 189 -22.43 2.11 24.00
C CYS A 189 -21.98 1.60 25.37
N LEU A 190 -20.71 1.81 25.70
CA LEU A 190 -20.22 1.44 27.03
C LEU A 190 -20.92 2.26 28.11
N ALA A 191 -21.17 3.54 27.84
CA ALA A 191 -21.82 4.40 28.81
C ALA A 191 -23.24 3.93 29.11
N LEU A 192 -23.98 3.52 28.08
CA LEU A 192 -25.35 3.08 28.28
C LEU A 192 -25.43 1.82 29.13
N ASN A 193 -24.50 0.89 28.93
CA ASN A 193 -24.48 -0.32 29.74
C ASN A 193 -24.30 0.01 31.22
N LEU A 194 -23.38 0.92 31.53
CA LEU A 194 -23.16 1.32 32.91
C LEU A 194 -24.35 2.09 33.45
N ALA A 195 -24.99 2.91 32.60
CA ALA A 195 -26.10 3.73 33.06
C ALA A 195 -27.34 2.90 33.34
N VAL A 196 -27.68 1.98 32.44
CA VAL A 196 -28.93 1.23 32.58
C VAL A 196 -28.86 0.27 33.76
N PHE A 197 -27.71 -0.35 34.00
CA PHE A 197 -27.59 -1.33 35.08
C PHE A 197 -27.52 -0.66 36.44
N LEU A 198 -27.00 0.56 36.52
CA LEU A 198 -26.99 1.30 37.77
C LEU A 198 -28.35 1.89 38.12
N LEU A 199 -29.16 2.24 37.12
CA LEU A 199 -30.42 2.92 37.36
C LEU A 199 -31.62 1.98 37.26
N PHE A 200 -31.76 1.28 36.13
CA PHE A 200 -32.83 0.32 35.94
C PHE A 200 -32.43 -1.10 36.29
N GLY A 201 -31.21 -1.31 36.79
CA GLY A 201 -30.72 -2.62 37.14
C GLY A 201 -30.98 -3.06 38.56
N GLY A 202 -31.77 -2.31 39.32
CA GLY A 202 -32.08 -2.70 40.68
C GLY A 202 -30.84 -2.70 41.57
N GLU A 203 -30.88 -3.57 42.58
CA GLU A 203 -29.77 -3.66 43.53
C GLU A 203 -29.45 -5.10 43.91
N GLU A 204 -30.00 -6.09 43.20
CA GLU A 204 -29.82 -7.48 43.56
C GLU A 204 -28.67 -8.16 42.82
N ASN A 205 -28.34 -7.72 41.62
CA ASN A 205 -27.25 -8.30 40.83
C ASN A 205 -26.29 -7.21 40.38
N LEU A 206 -26.11 -6.17 41.19
CA LEU A 206 -25.24 -5.08 40.78
C LEU A 206 -23.78 -5.52 40.69
N ARG A 207 -23.26 -6.17 41.72
CA ARG A 207 -21.84 -6.50 41.75
C ARG A 207 -21.44 -7.36 40.56
N THR A 208 -22.37 -8.17 40.04
CA THR A 208 -22.12 -8.88 38.79
C THR A 208 -22.11 -7.91 37.61
N ASN A 209 -22.93 -6.86 37.67
CA ASN A 209 -23.09 -5.98 36.52
C ASN A 209 -21.83 -5.14 36.28
N LEU A 210 -21.29 -4.51 37.32
CA LEU A 210 -20.10 -3.69 37.12
C LEU A 210 -18.91 -4.53 36.67
N LEU A 211 -18.81 -5.76 37.18
CA LEU A 211 -17.73 -6.65 36.73
C LEU A 211 -17.85 -6.94 35.24
N ASN A 212 -19.06 -7.23 34.76
CA ASN A 212 -19.25 -7.48 33.35
C ASN A 212 -19.01 -6.22 32.52
N THR A 213 -19.48 -5.07 33.00
CA THR A 213 -19.23 -3.81 32.30
C THR A 213 -17.74 -3.47 32.30
N LEU A 214 -17.05 -3.72 33.41
CA LEU A 214 -15.60 -3.53 33.43
C LEU A 214 -14.90 -4.48 32.48
N TYR A 215 -15.35 -5.74 32.41
CA TYR A 215 -14.78 -6.68 31.47
C TYR A 215 -15.03 -6.25 30.03
N ASN A 216 -16.20 -5.64 29.79
CA ASN A 216 -16.50 -5.13 28.45
C ASN A 216 -15.55 -3.99 28.07
N GLY A 217 -15.11 -3.22 29.06
CA GLY A 217 -14.14 -2.17 28.78
C GLY A 217 -12.84 -2.72 28.23
N LEU A 218 -12.40 -3.87 28.76
CA LEU A 218 -11.23 -4.54 28.22
C LEU A 218 -11.50 -5.05 26.81
N VAL A 219 -12.75 -5.45 26.54
CA VAL A 219 -13.12 -5.92 25.21
C VAL A 219 -12.95 -4.80 24.19
N VAL A 220 -13.39 -3.59 24.54
CA VAL A 220 -13.21 -2.43 23.67
C VAL A 220 -11.74 -2.13 23.47
N LEU A 221 -10.96 -2.16 24.55
CA LEU A 221 -9.54 -1.85 24.46
C LEU A 221 -8.81 -2.86 23.59
N ILE A 222 -9.12 -4.14 23.73
CA ILE A 222 -8.46 -5.16 22.92
C ILE A 222 -8.81 -4.99 21.45
N CYS A 223 -10.08 -4.74 21.15
CA CYS A 223 -10.49 -4.59 19.76
C CYS A 223 -9.99 -3.28 19.16
N SER A 224 -9.69 -2.28 20.00
CA SER A 224 -9.16 -1.02 19.49
C SER A 224 -7.74 -1.20 18.95
N PHE A 225 -6.97 -2.10 19.56
CA PHE A 225 -5.63 -2.38 19.06
C PHE A 225 -5.67 -2.90 17.63
N ALA A 226 -6.55 -3.88 17.37
CA ALA A 226 -6.65 -4.45 16.02
C ALA A 226 -7.24 -3.44 15.04
N LEU A 227 -8.16 -2.61 15.51
CA LEU A 227 -8.77 -1.61 14.64
C LEU A 227 -7.76 -0.59 14.15
N TYR A 228 -6.84 -0.18 15.03
CA TYR A 228 -5.84 0.81 14.65
C TYR A 228 -4.94 0.29 13.54
N LEU A 229 -4.52 -0.97 13.65
CA LEU A 229 -3.66 -1.54 12.62
C LEU A 229 -4.40 -1.69 11.30
N GLN A 230 -5.70 -1.99 11.37
CA GLN A 230 -6.49 -2.11 10.15
C GLN A 230 -6.57 -0.78 9.41
N ASP A 231 -6.95 0.28 10.11
CA ASP A 231 -7.11 1.58 9.47
C ASP A 231 -5.78 2.14 9.00
N TYR A 232 -4.72 1.97 9.80
CA TYR A 232 -3.41 2.45 9.39
C TYR A 232 -2.93 1.74 8.14
N ALA A 233 -3.10 0.41 8.08
CA ALA A 233 -2.71 -0.33 6.90
C ALA A 233 -3.54 0.07 5.69
N GLN A 234 -4.83 0.33 5.88
CA GLN A 234 -5.69 0.73 4.78
C GLN A 234 -5.28 2.09 4.23
N ARG A 235 -5.02 3.05 5.12
CA ARG A 235 -4.75 4.42 4.69
C ARG A 235 -3.45 4.50 3.89
N GLU A 236 -2.42 3.75 4.31
CA GLU A 236 -1.15 3.78 3.59
C GLU A 236 -1.29 3.25 2.18
N GLN A 237 -2.14 2.24 1.99
CA GLN A 237 -2.35 1.69 0.65
C GLN A 237 -2.94 2.74 -0.28
N PHE A 238 -3.96 3.46 0.17
CA PHE A 238 -4.63 4.44 -0.68
C PHE A 238 -3.65 5.53 -1.12
N LEU A 239 -2.82 6.01 -0.19
CA LEU A 239 -1.75 6.92 -0.58
C LEU A 239 -0.78 6.24 -1.55
N GLY A 240 -0.42 4.99 -1.26
CA GLY A 240 0.50 4.28 -2.13
C GLY A 240 -0.08 4.00 -3.50
N ARG A 241 -1.33 3.53 -3.55
CA ARG A 241 -1.94 3.17 -4.83
C ARG A 241 -2.11 4.39 -5.73
N ARG A 242 -2.56 5.51 -5.17
CA ARG A 242 -2.67 6.73 -5.95
C ARG A 242 -1.31 7.20 -6.43
N LEU A 243 -0.30 7.13 -5.55
CA LEU A 243 1.04 7.57 -5.93
C LEU A 243 1.68 6.62 -6.92
N LEU A 244 1.54 5.30 -6.70
CA LEU A 244 2.14 4.33 -7.60
C LEU A 244 1.54 4.43 -9.01
N GLY A 245 0.22 4.50 -9.09
CA GLY A 245 -0.42 4.55 -10.40
C GLY A 245 -0.10 5.84 -11.15
N MET A 246 -0.17 6.96 -10.45
CA MET A 246 0.07 8.25 -11.10
C MET A 246 1.52 8.39 -11.56
N MET A 247 2.48 7.96 -10.74
CA MET A 247 3.88 8.10 -11.12
C MET A 247 4.26 7.13 -12.23
N ALA A 248 3.73 5.91 -12.19
CA ALA A 248 4.10 4.92 -13.20
C ALA A 248 3.39 5.18 -14.52
N GLU A 249 2.06 5.15 -14.53
CA GLU A 249 1.32 5.32 -15.77
C GLU A 249 1.49 6.74 -16.32
N GLN A 250 1.26 7.74 -15.48
CA GLN A 250 1.30 9.14 -15.91
C GLN A 250 2.60 9.78 -15.46
N ASP A 251 2.74 11.08 -15.79
CA ASP A 251 3.77 11.95 -15.24
C ASP A 251 5.20 11.46 -15.51
N SER A 252 6.16 12.08 -14.85
CA SER A 252 7.57 11.72 -14.97
C SER A 252 8.30 12.19 -13.72
N LEU A 253 9.53 11.72 -13.55
CA LEU A 253 10.30 12.08 -12.37
C LEU A 253 10.58 13.58 -12.34
N THR A 254 10.90 14.17 -13.50
CA THR A 254 11.17 15.60 -13.57
C THR A 254 10.39 16.23 -14.72
N GLY A 255 10.05 15.42 -15.72
CA GLY A 255 9.38 15.94 -16.91
C GLY A 255 7.89 16.15 -16.73
N LEU A 256 7.12 15.85 -17.77
CA LEU A 256 5.68 16.11 -17.79
C LEU A 256 4.86 14.83 -17.81
N VAL A 257 5.07 13.96 -18.81
CA VAL A 257 4.32 12.72 -18.97
C VAL A 257 5.27 11.65 -19.47
N ASN A 258 5.04 10.41 -19.03
CA ASN A 258 5.84 9.29 -19.49
C ASN A 258 5.71 9.12 -21.00
N ARG A 259 6.77 8.60 -21.63
CA ARG A 259 6.76 8.40 -23.07
C ARG A 259 5.70 7.39 -23.49
N ARG A 260 5.57 6.30 -22.75
CA ARG A 260 4.60 5.27 -23.13
C ARG A 260 3.17 5.80 -23.04
N TYR A 261 2.88 6.62 -22.02
CA TYR A 261 1.55 7.22 -21.92
C TYR A 261 1.32 8.25 -23.02
N TYR A 262 2.37 8.97 -23.41
CA TYR A 262 2.26 9.88 -24.54
C TYR A 262 1.87 9.13 -25.81
N GLU A 263 2.42 7.92 -26.00
CA GLU A 263 2.07 7.13 -27.17
C GLU A 263 0.60 6.76 -27.18
N LEU A 264 0.06 6.36 -26.02
CA LEU A 264 -1.35 5.99 -25.94
C LEU A 264 -2.25 7.20 -26.25
N LEU A 265 -1.90 8.37 -25.69
CA LEU A 265 -2.68 9.57 -25.97
C LEU A 265 -2.59 9.96 -27.43
N ALA A 266 -1.39 9.90 -28.02
CA ALA A 266 -1.22 10.29 -29.41
C ALA A 266 -2.01 9.39 -30.35
N GLN A 267 -1.98 8.09 -30.10
CA GLN A 267 -2.78 7.17 -30.91
C GLN A 267 -4.27 7.43 -30.72
N ARG A 268 -4.69 7.65 -29.47
CA ARG A 268 -6.10 7.97 -29.22
C ARG A 268 -6.49 9.30 -29.85
N ALA A 269 -5.61 10.30 -29.75
CA ALA A 269 -5.89 11.60 -30.35
C ALA A 269 -5.99 11.50 -31.87
N LEU A 270 -5.07 10.75 -32.48
CA LEU A 270 -5.13 10.55 -33.93
C LEU A 270 -6.40 9.80 -34.33
N GLU A 271 -6.77 8.78 -33.57
CA GLU A 271 -8.01 8.06 -33.83
C GLU A 271 -9.22 8.96 -33.66
N GLN A 272 -9.24 9.76 -32.59
CA GLN A 272 -10.34 10.70 -32.38
C GLN A 272 -10.37 11.77 -33.47
N GLY A 273 -9.20 12.28 -33.85
CA GLY A 273 -9.15 13.30 -34.89
C GLY A 273 -9.64 12.78 -36.23
N ALA A 274 -9.27 11.55 -36.59
CA ALA A 274 -9.74 10.97 -37.83
C ALA A 274 -11.24 10.69 -37.78
N ARG A 275 -11.76 10.37 -36.60
CA ARG A 275 -13.19 10.09 -36.47
C ARG A 275 -14.03 11.33 -36.80
N GLU A 276 -13.62 12.49 -36.29
CA GLU A 276 -14.32 13.74 -36.56
C GLU A 276 -13.69 14.54 -37.68
N GLU A 277 -12.68 13.99 -38.35
CA GLU A 277 -12.11 14.57 -39.57
C GLU A 277 -11.58 15.99 -39.34
N LYS A 278 -10.57 16.08 -38.48
CA LYS A 278 -9.88 17.34 -38.26
C LYS A 278 -8.40 17.06 -38.02
N GLY A 279 -7.55 17.96 -38.53
CA GLY A 279 -6.13 17.77 -38.39
C GLY A 279 -5.65 17.98 -36.97
N VAL A 280 -4.49 17.40 -36.68
CA VAL A 280 -3.86 17.50 -35.38
C VAL A 280 -2.45 18.05 -35.57
N ALA A 281 -2.11 19.09 -34.82
CA ALA A 281 -0.82 19.75 -34.94
C ALA A 281 0.15 19.24 -33.88
N LEU A 282 1.40 19.02 -34.30
CA LEU A 282 2.45 18.54 -33.42
C LEU A 282 3.62 19.50 -33.45
N ILE A 283 4.19 19.75 -32.27
CA ILE A 283 5.35 20.62 -32.13
C ILE A 283 6.38 19.91 -31.26
N LEU A 284 7.63 19.91 -31.69
CA LEU A 284 8.74 19.34 -30.94
C LEU A 284 9.67 20.45 -30.49
N VAL A 285 10.00 20.45 -29.21
CA VAL A 285 10.88 21.45 -28.60
C VAL A 285 12.23 20.78 -28.31
N ASP A 286 13.31 21.45 -28.70
CA ASP A 286 14.65 20.91 -28.54
C ASP A 286 15.57 21.98 -27.94
N VAL A 287 16.54 21.52 -27.15
CA VAL A 287 17.54 22.39 -26.54
C VAL A 287 18.77 22.39 -27.43
N ASP A 288 19.39 23.56 -27.58
CA ASP A 288 20.53 23.74 -28.47
C ASP A 288 21.81 23.90 -27.67
N ASP A 289 22.87 23.21 -28.10
CA ASP A 289 24.20 23.33 -27.51
C ASP A 289 24.17 23.01 -26.02
N PHE A 290 23.77 21.78 -25.71
CA PHE A 290 23.67 21.34 -24.33
C PHE A 290 24.99 20.81 -23.76
N LYS A 291 25.96 20.47 -24.62
CA LYS A 291 27.26 20.04 -24.11
C LYS A 291 27.93 21.13 -23.28
N ALA A 292 27.87 22.39 -23.75
CA ALA A 292 28.50 23.48 -23.01
C ALA A 292 27.88 23.63 -21.63
N TYR A 293 26.55 23.53 -21.55
CA TYR A 293 25.86 23.67 -20.27
C TYR A 293 26.26 22.56 -19.31
N ASN A 294 26.36 21.32 -19.81
CA ASN A 294 26.65 20.21 -18.93
C ASN A 294 28.07 20.27 -18.38
N ASP A 295 29.05 20.56 -19.23
CA ASP A 295 30.46 20.46 -18.84
C ASP A 295 31.00 21.74 -18.21
N HIS A 296 30.24 22.83 -18.25
CA HIS A 296 30.66 24.09 -17.64
C HIS A 296 29.91 24.42 -16.36
N TYR A 297 28.60 24.16 -16.33
CA TYR A 297 27.77 24.46 -15.17
C TYR A 297 27.50 23.24 -14.30
N GLY A 298 27.58 22.04 -14.86
CA GLY A 298 27.45 20.82 -14.08
C GLY A 298 26.12 20.13 -14.32
N HIS A 299 26.09 18.84 -13.98
CA HIS A 299 24.86 18.07 -14.09
C HIS A 299 23.72 18.61 -13.24
N PRO A 300 23.90 18.93 -11.95
CA PRO A 300 22.78 19.48 -11.19
C PRO A 300 22.25 20.78 -11.76
N ALA A 301 23.12 21.59 -12.38
CA ALA A 301 22.64 22.73 -13.14
C ALA A 301 21.93 22.28 -14.41
N GLY A 302 22.39 21.20 -15.03
CA GLY A 302 21.74 20.72 -16.24
C GLY A 302 20.32 20.25 -16.01
N ASP A 303 20.11 19.45 -14.95
CA ASP A 303 18.76 19.02 -14.62
C ASP A 303 17.94 20.16 -14.03
N ALA A 304 18.61 21.16 -13.46
CA ALA A 304 17.93 22.37 -13.02
C ALA A 304 17.31 23.09 -14.20
N ALA A 305 18.07 23.22 -15.30
CA ALA A 305 17.53 23.87 -16.49
C ALA A 305 16.33 23.11 -17.04
N LEU A 306 16.25 21.81 -16.75
CA LEU A 306 15.14 21.00 -17.24
C LEU A 306 13.83 21.38 -16.56
N ARG A 307 13.83 21.53 -15.24
CA ARG A 307 12.56 21.63 -14.52
C ARG A 307 11.93 23.01 -14.65
N GLN A 308 12.73 24.08 -14.74
CA GLN A 308 12.16 25.36 -15.20
C GLN A 308 11.67 25.27 -16.63
N LEU A 309 12.37 24.53 -17.49
CA LEU A 309 11.88 24.35 -18.86
C LEU A 309 10.54 23.63 -18.86
N GLY A 310 10.38 22.64 -17.97
CA GLY A 310 9.12 21.92 -17.90
C GLY A 310 7.97 22.80 -17.42
N VAL A 311 8.22 23.60 -16.36
CA VAL A 311 7.14 24.40 -15.78
C VAL A 311 6.72 25.51 -16.74
N VAL A 312 7.68 26.12 -17.44
CA VAL A 312 7.32 27.17 -18.38
C VAL A 312 6.66 26.61 -19.64
N LEU A 313 6.93 25.35 -19.99
CA LEU A 313 6.19 24.72 -21.07
C LEU A 313 4.80 24.30 -20.60
N ARG A 314 4.69 23.84 -19.35
CA ARG A 314 3.39 23.46 -18.82
C ARG A 314 2.46 24.66 -18.71
N GLN A 315 2.98 25.80 -18.25
CA GLN A 315 2.15 27.00 -18.14
C GLN A 315 1.75 27.52 -19.51
N GLY A 316 2.54 27.23 -20.54
CA GLY A 316 2.19 27.59 -21.90
C GLY A 316 1.29 26.61 -22.61
N ALA A 317 0.86 25.56 -21.93
CA ALA A 317 -0.02 24.54 -22.49
C ALA A 317 -1.31 24.53 -21.65
N ARG A 318 -2.31 25.29 -22.11
CA ARG A 318 -3.56 25.39 -21.40
C ARG A 318 -4.78 25.08 -22.26
N ARG A 319 -4.59 24.73 -23.53
CA ARG A 319 -5.71 24.41 -24.40
C ARG A 319 -6.38 23.11 -23.94
N PRO A 320 -7.67 22.95 -24.22
CA PRO A 320 -8.34 21.69 -23.88
C PRO A 320 -7.80 20.54 -24.72
N LEU A 321 -7.71 19.37 -24.08
CA LEU A 321 -7.19 18.16 -24.70
C LEU A 321 -5.81 18.40 -25.30
N ASP A 322 -4.97 19.12 -24.56
CA ASP A 322 -3.60 19.41 -24.98
C ASP A 322 -2.64 18.51 -24.23
N ILE A 323 -1.77 17.83 -24.98
CA ILE A 323 -0.85 16.85 -24.41
C ILE A 323 0.56 17.41 -24.49
N ALA A 324 1.23 17.47 -23.34
CA ALA A 324 2.64 17.84 -23.26
C ALA A 324 3.37 16.76 -22.48
N ALA A 325 4.48 16.27 -23.04
CA ALA A 325 5.17 15.13 -22.47
C ALA A 325 6.66 15.24 -22.73
N ARG A 326 7.43 14.47 -21.98
CA ARG A 326 8.88 14.35 -22.16
C ARG A 326 9.15 13.03 -22.87
N LEU A 327 9.48 13.11 -24.17
CA LEU A 327 9.73 11.90 -24.94
C LEU A 327 10.98 11.18 -24.44
N GLY A 328 12.01 11.92 -24.08
CA GLY A 328 13.24 11.35 -23.59
C GLY A 328 14.42 12.21 -23.98
N GLY A 329 15.45 12.17 -23.14
CA GLY A 329 16.63 12.97 -23.37
C GLY A 329 16.37 14.47 -23.26
N GLU A 330 16.65 15.21 -24.33
CA GLU A 330 16.49 16.66 -24.33
C GLU A 330 15.28 17.14 -25.10
N GLU A 331 14.60 16.28 -25.85
CA GLU A 331 13.54 16.68 -26.76
C GLU A 331 12.19 16.33 -26.16
N PHE A 332 11.20 17.20 -26.38
CA PHE A 332 9.85 17.00 -25.88
C PHE A 332 8.86 17.35 -27.00
N ALA A 333 7.66 16.77 -26.90
CA ALA A 333 6.63 16.96 -27.90
C ALA A 333 5.35 17.41 -27.24
N VAL A 334 4.65 18.34 -27.90
CA VAL A 334 3.36 18.85 -27.43
C VAL A 334 2.33 18.63 -28.53
N LEU A 335 1.17 18.09 -28.15
CA LEU A 335 0.11 17.77 -29.09
C LEU A 335 -1.01 18.81 -28.98
N LEU A 336 -1.51 19.23 -30.14
CA LEU A 336 -2.54 20.26 -30.22
C LEU A 336 -3.78 19.69 -30.89
N TYR A 337 -4.95 20.05 -30.38
CA TYR A 337 -6.23 19.57 -30.89
C TYR A 337 -7.05 20.79 -31.31
N ASP A 338 -7.56 20.75 -32.55
CA ASP A 338 -8.45 21.78 -33.08
C ASP A 338 -7.78 23.14 -33.11
N SER A 339 -6.68 23.22 -33.87
CA SER A 339 -5.93 24.45 -34.03
C SER A 339 -5.54 24.61 -35.50
N GLU A 340 -5.41 25.86 -35.93
CA GLU A 340 -5.01 26.19 -37.29
C GLU A 340 -3.52 26.50 -37.34
N GLU A 341 -3.01 26.63 -38.56
CA GLU A 341 -1.59 26.90 -38.76
C GLU A 341 -1.19 28.24 -38.15
N GLY A 342 -2.06 29.25 -38.28
CA GLY A 342 -1.76 30.55 -37.70
C GLY A 342 -1.66 30.50 -36.18
N ASN A 343 -2.58 29.78 -35.54
CA ASN A 343 -2.54 29.66 -34.08
C ASN A 343 -1.29 28.90 -33.64
N THR A 344 -0.95 27.81 -34.32
CA THR A 344 0.23 27.02 -33.94
C THR A 344 1.50 27.84 -34.08
N LEU A 345 1.61 28.61 -35.16
CA LEU A 345 2.77 29.48 -35.33
C LEU A 345 2.78 30.56 -34.26
N ALA A 346 1.62 31.11 -33.92
CA ALA A 346 1.56 32.17 -32.91
C ALA A 346 1.97 31.66 -31.55
N ILE A 347 1.42 30.51 -31.13
CA ILE A 347 1.75 29.98 -29.81
C ILE A 347 3.21 29.56 -29.74
N ALA A 348 3.75 29.05 -30.85
CA ALA A 348 5.16 28.64 -30.86
C ALA A 348 6.07 29.85 -30.68
N GLU A 349 5.74 30.97 -31.30
CA GLU A 349 6.59 32.15 -31.23
C GLU A 349 6.62 32.72 -29.81
N ARG A 350 5.46 32.84 -29.17
CA ARG A 350 5.42 33.47 -27.84
C ARG A 350 6.15 32.62 -26.81
N LEU A 351 6.02 31.30 -26.88
CA LEU A 351 6.77 30.44 -25.96
C LEU A 351 8.26 30.52 -26.24
N ARG A 352 8.63 30.64 -27.52
CA ARG A 352 10.04 30.84 -27.85
C ARG A 352 10.56 32.16 -27.29
N GLN A 353 9.75 33.22 -27.40
CA GLN A 353 10.13 34.49 -26.79
C GLN A 353 10.15 34.38 -25.27
N ALA A 354 9.22 33.61 -24.70
CA ALA A 354 9.17 33.47 -23.25
C ALA A 354 10.41 32.77 -22.72
N VAL A 355 10.82 31.67 -23.35
CA VAL A 355 12.01 30.97 -22.90
C VAL A 355 13.26 31.79 -23.21
N GLU A 356 13.25 32.55 -24.30
CA GLU A 356 14.34 33.49 -24.57
C GLU A 356 14.39 34.59 -23.52
N ALA A 357 13.23 35.06 -23.07
CA ALA A 357 13.19 36.08 -22.03
C ALA A 357 13.77 35.55 -20.72
N LEU A 358 13.66 34.25 -20.49
CA LEU A 358 14.25 33.65 -19.30
C LEU A 358 15.76 33.79 -19.33
N GLY A 359 16.30 34.49 -18.34
CA GLY A 359 17.73 34.72 -18.29
C GLY A 359 18.49 33.58 -17.62
N ILE A 360 19.12 32.73 -18.43
CA ILE A 360 19.90 31.61 -17.94
C ILE A 360 21.28 31.69 -18.56
N GLU A 361 22.32 31.58 -17.72
CA GLU A 361 23.68 31.63 -18.23
C GLU A 361 24.04 30.34 -18.95
N HIS A 362 24.29 30.46 -20.26
CA HIS A 362 24.66 29.31 -21.08
C HIS A 362 25.82 29.79 -21.97
N LEU A 363 26.86 30.34 -21.33
CA LEU A 363 27.91 31.09 -22.01
C LEU A 363 28.49 30.38 -23.24
N GLY A 364 28.32 29.07 -23.36
CA GLY A 364 28.85 28.37 -24.50
C GLY A 364 28.03 28.47 -25.77
N SER A 365 26.98 29.29 -25.77
CA SER A 365 26.08 29.39 -26.91
C SER A 365 26.79 30.01 -28.10
N SER A 366 26.49 29.48 -29.30
CA SER A 366 26.95 30.05 -30.55
C SER A 366 25.84 30.77 -31.31
N ALA A 367 24.64 30.84 -30.74
CA ALA A 367 23.51 31.48 -31.40
C ALA A 367 22.92 32.65 -30.63
N GLY A 368 23.50 33.00 -29.49
CA GLY A 368 23.01 34.12 -28.70
C GLY A 368 23.70 34.23 -27.36
N PRO A 369 23.39 35.31 -26.63
CA PRO A 369 23.99 35.48 -25.29
C PRO A 369 23.64 34.36 -24.33
N CYS A 370 22.43 33.81 -24.41
CA CYS A 370 21.96 32.75 -23.54
C CYS A 370 21.57 31.53 -24.37
N LEU A 371 20.98 30.54 -23.71
CA LEU A 371 20.60 29.31 -24.39
C LEU A 371 19.50 29.56 -25.40
N THR A 372 19.56 28.83 -26.51
CA THR A 372 18.60 28.96 -27.59
C THR A 372 17.79 27.67 -27.71
N ILE A 373 16.53 27.81 -28.12
CA ILE A 373 15.59 26.71 -28.20
C ILE A 373 15.10 26.60 -29.64
N SER A 374 15.18 25.38 -30.18
CA SER A 374 14.68 25.11 -31.53
C SER A 374 13.32 24.45 -31.46
N LEU A 375 12.44 24.80 -32.39
CA LEU A 375 11.08 24.28 -32.43
C LEU A 375 10.75 23.80 -33.84
N GLY A 376 10.01 22.69 -33.91
CA GLY A 376 9.57 22.16 -35.18
C GLY A 376 8.10 21.78 -35.16
N VAL A 377 7.30 22.40 -36.01
CA VAL A 377 5.85 22.19 -36.04
C VAL A 377 5.49 21.42 -37.31
N ALA A 378 4.62 20.43 -37.15
CA ALA A 378 4.13 19.64 -38.28
C ALA A 378 2.62 19.51 -38.20
N TYR A 379 2.00 19.31 -39.35
CA TYR A 379 0.55 19.17 -39.45
C TYR A 379 0.20 17.75 -39.89
N SER A 380 -0.90 17.22 -39.36
CA SER A 380 -1.34 15.88 -39.66
C SER A 380 -2.71 15.93 -40.35
N THR A 381 -2.96 14.94 -41.21
CA THR A 381 -4.20 14.82 -41.94
C THR A 381 -5.02 13.67 -41.37
N SER A 382 -6.16 13.38 -42.01
CA SER A 382 -7.03 12.31 -41.56
C SER A 382 -6.51 10.97 -42.07
N GLY A 383 -6.51 9.97 -41.19
CA GLY A 383 -6.04 8.65 -41.57
C GLY A 383 -4.59 8.60 -41.98
N MET A 384 -3.72 9.32 -41.25
CA MET A 384 -2.30 9.35 -41.54
C MET A 384 -1.52 8.98 -40.29
N GLY A 385 -0.50 8.15 -40.47
CA GLY A 385 0.20 7.58 -39.34
C GLY A 385 1.14 8.56 -38.67
N LEU A 386 1.42 8.27 -37.40
CA LEU A 386 2.28 9.16 -36.61
C LEU A 386 3.71 9.21 -37.13
N ASP A 387 4.16 8.17 -37.82
CA ASP A 387 5.51 8.18 -38.38
C ASP A 387 5.67 9.28 -39.42
N ALA A 388 4.67 9.47 -40.26
CA ALA A 388 4.76 10.49 -41.31
C ALA A 388 4.85 11.89 -40.71
N LEU A 389 4.00 12.19 -39.71
CA LEU A 389 4.04 13.51 -39.10
C LEU A 389 5.30 13.69 -38.26
N TYR A 390 5.74 12.64 -37.57
CA TYR A 390 6.96 12.75 -36.78
C TYR A 390 8.18 12.99 -37.67
N ARG A 391 8.25 12.29 -38.80
CA ARG A 391 9.37 12.49 -39.72
C ARG A 391 9.40 13.91 -40.25
N GLU A 392 8.24 14.45 -40.62
CA GLU A 392 8.18 15.85 -41.04
C GLU A 392 8.52 16.79 -39.89
N ALA A 393 8.04 16.46 -38.68
CA ALA A 393 8.28 17.34 -37.53
C ALA A 393 9.77 17.46 -37.21
N ASP A 394 10.48 16.32 -37.21
CA ASP A 394 11.91 16.38 -36.92
C ASP A 394 12.69 16.93 -38.10
N ARG A 395 12.21 16.67 -39.33
CA ARG A 395 12.88 17.18 -40.52
C ARG A 395 13.02 18.69 -40.44
N ALA A 396 11.92 19.39 -40.15
CA ALA A 396 11.98 20.83 -39.97
C ALA A 396 12.87 21.22 -38.80
N LEU A 397 12.94 20.36 -37.77
CA LEU A 397 13.74 20.68 -36.61
C LEU A 397 15.22 20.79 -36.96
N TYR A 398 15.74 19.82 -37.72
CA TYR A 398 17.14 19.89 -38.12
C TYR A 398 17.40 21.02 -39.11
N GLU A 399 16.49 21.25 -40.06
CA GLU A 399 16.66 22.36 -40.99
C GLU A 399 16.56 23.70 -40.27
N ALA A 400 15.90 23.75 -39.12
CA ALA A 400 16.00 24.92 -38.27
C ALA A 400 17.32 24.95 -37.51
N LYS A 401 17.86 23.77 -37.17
CA LYS A 401 19.12 23.71 -36.43
C LYS A 401 20.28 24.22 -37.28
N ASP A 402 20.36 23.78 -38.54
CA ASP A 402 21.44 24.21 -39.41
C ASP A 402 21.30 25.64 -39.88
N ALA A 403 20.17 26.29 -39.63
CA ALA A 403 19.95 27.68 -39.99
C ALA A 403 20.28 28.63 -38.84
N GLY A 404 21.24 28.25 -37.99
CA GLY A 404 21.59 29.06 -36.86
C GLY A 404 20.60 29.00 -35.71
N ARG A 405 19.75 27.98 -35.66
CA ARG A 405 18.74 27.80 -34.62
C ARG A 405 17.77 28.97 -34.60
N ASN A 406 16.91 29.01 -33.58
CA ASN A 406 15.90 30.06 -33.42
C ASN A 406 15.00 30.17 -34.65
N ALA A 407 14.65 29.02 -35.23
CA ALA A 407 13.83 28.97 -36.43
C ALA A 407 12.70 27.97 -36.25
N VAL A 408 11.56 28.28 -36.87
CA VAL A 408 10.38 27.41 -36.83
C VAL A 408 9.94 27.16 -38.26
N ARG A 409 9.78 25.88 -38.61
CA ARG A 409 9.35 25.50 -39.96
C ARG A 409 8.22 24.50 -39.87
N VAL A 410 7.35 24.53 -40.87
CA VAL A 410 6.22 23.61 -40.94
C VAL A 410 6.62 22.34 -41.69
N ASN B 33 9.48 -9.03 -12.33
CA ASN B 33 9.47 -8.57 -10.95
C ASN B 33 8.55 -9.44 -10.10
N PRO B 34 9.12 -10.17 -9.14
CA PRO B 34 8.28 -11.02 -8.28
C PRO B 34 7.24 -10.24 -7.49
N TYR B 35 7.57 -9.02 -7.06
CA TYR B 35 6.60 -8.21 -6.31
C TYR B 35 5.46 -7.76 -7.21
N ALA B 36 5.77 -7.33 -8.43
CA ALA B 36 4.74 -6.82 -9.33
C ALA B 36 3.76 -7.92 -9.72
N ARG B 37 4.27 -9.11 -10.03
CA ARG B 37 3.40 -10.18 -10.50
C ARG B 37 2.47 -10.67 -9.40
N GLN B 38 2.93 -10.64 -8.15
CA GLN B 38 2.06 -11.02 -7.03
C GLN B 38 0.90 -10.04 -6.88
N LEU B 39 1.17 -8.74 -7.07
CA LEU B 39 0.10 -7.76 -6.96
C LEU B 39 -0.90 -7.87 -8.10
N ARG B 40 -0.41 -8.18 -9.32
CA ARG B 40 -1.29 -8.21 -10.47
C ARG B 40 -2.26 -9.39 -10.40
N ASN B 41 -1.76 -10.59 -10.12
CA ASN B 41 -2.62 -11.76 -10.14
C ASN B 41 -3.48 -11.89 -8.89
N GLY B 42 -3.25 -11.06 -7.89
CA GLY B 42 -4.08 -11.14 -6.68
C GLY B 42 -3.55 -12.13 -5.67
N PHE B 43 -3.93 -11.90 -4.42
CA PHE B 43 -3.48 -12.71 -3.30
C PHE B 43 -4.65 -13.01 -2.36
N ARG B 44 -5.80 -13.33 -2.94
CA ARG B 44 -6.96 -13.68 -2.13
C ARG B 44 -6.65 -14.92 -1.28
N TRP B 45 -7.44 -15.08 -0.22
CA TRP B 45 -7.24 -16.11 0.80
C TRP B 45 -5.96 -15.90 1.61
N LEU B 46 -5.31 -14.75 1.44
CA LEU B 46 -4.25 -14.29 2.34
C LEU B 46 -3.06 -15.26 2.38
N ARG B 47 -2.43 -15.42 1.21
CA ARG B 47 -1.26 -16.27 1.11
C ARG B 47 -0.34 -15.78 0.01
N PHE B 48 0.96 -15.71 0.32
CA PHE B 48 1.99 -15.32 -0.63
C PHE B 48 2.73 -16.55 -1.13
N GLU B 49 3.66 -16.32 -2.05
CA GLU B 49 4.56 -17.37 -2.48
C GLU B 49 5.54 -17.69 -1.37
N LYS B 50 6.15 -18.89 -1.44
CA LYS B 50 6.98 -19.37 -0.35
C LYS B 50 8.08 -18.36 0.01
N GLU B 51 8.79 -17.85 -0.99
CA GLU B 51 9.82 -16.87 -0.72
C GLU B 51 9.22 -15.56 -0.25
N LEU B 52 8.16 -15.10 -0.91
CA LEU B 52 7.52 -13.85 -0.52
C LEU B 52 6.92 -13.95 0.88
N GLU B 53 6.30 -15.10 1.20
CA GLU B 53 5.72 -15.28 2.52
C GLU B 53 6.81 -15.24 3.60
N ASN B 54 7.95 -15.86 3.33
CA ASN B 54 9.06 -15.81 4.27
C ASN B 54 9.54 -14.38 4.46
N GLU B 55 9.62 -13.62 3.37
CA GLU B 55 9.96 -12.21 3.49
C GLU B 55 8.89 -11.45 4.27
N PHE B 56 7.60 -11.77 4.01
CA PHE B 56 6.53 -11.11 4.72
C PHE B 56 6.57 -11.43 6.21
N ARG B 57 6.83 -12.69 6.56
CA ARG B 57 6.91 -13.06 7.98
C ARG B 57 8.01 -12.28 8.69
N GLU B 58 9.17 -12.14 8.04
CA GLU B 58 10.23 -11.31 8.62
C GLU B 58 9.78 -9.86 8.72
N PHE B 59 9.05 -9.38 7.72
CA PHE B 59 8.47 -8.04 7.80
C PHE B 59 7.48 -7.95 8.95
N LEU B 60 6.65 -8.97 9.12
CA LEU B 60 5.69 -8.97 10.23
C LEU B 60 6.39 -8.98 11.57
N SER B 61 7.42 -9.83 11.73
CA SER B 61 8.12 -9.91 13.00
C SER B 61 8.88 -8.62 13.30
N TRP B 62 9.46 -8.00 12.27
CA TRP B 62 10.23 -6.78 12.49
C TRP B 62 9.35 -5.64 12.99
N ASN B 63 8.16 -5.50 12.44
CA ASN B 63 7.28 -4.39 12.76
C ASN B 63 6.38 -4.65 13.96
N SER B 64 6.40 -5.87 14.51
CA SER B 64 5.55 -6.23 15.63
C SER B 64 6.31 -6.24 16.95
N LEU B 65 7.53 -5.70 16.97
CA LEU B 65 8.29 -5.64 18.22
C LEU B 65 7.58 -4.76 19.25
N MET B 66 7.05 -3.62 18.82
CA MET B 66 6.32 -2.75 19.74
C MET B 66 5.04 -3.43 20.23
N GLN B 67 4.36 -4.17 19.36
CA GLN B 67 3.12 -4.83 19.77
C GLN B 67 3.37 -5.86 20.85
N ARG B 68 4.49 -6.57 20.78
CA ARG B 68 4.82 -7.56 21.80
C ARG B 68 4.99 -6.89 23.17
N ARG B 69 5.57 -5.69 23.19
CA ARG B 69 5.76 -4.99 24.45
C ARG B 69 4.42 -4.65 25.10
N ALA B 70 3.45 -4.20 24.31
CA ALA B 70 2.15 -3.88 24.85
C ALA B 70 1.38 -5.13 25.26
N ALA B 71 1.54 -6.22 24.50
CA ALA B 71 0.81 -7.44 24.80
C ALA B 71 1.24 -8.03 26.14
N ILE B 72 2.53 -8.00 26.43
CA ILE B 72 3.01 -8.49 27.72
C ILE B 72 2.49 -7.60 28.85
N GLY B 73 2.49 -6.28 28.62
CA GLY B 73 2.03 -5.36 29.65
C GLY B 73 0.55 -5.52 29.97
N VAL B 74 -0.27 -5.68 28.93
CA VAL B 74 -1.71 -5.79 29.15
C VAL B 74 -2.06 -7.11 29.82
N ALA B 75 -1.39 -8.20 29.42
CA ALA B 75 -1.66 -9.49 30.02
C ALA B 75 -1.32 -9.50 31.51
N PHE B 76 -0.22 -8.85 31.88
CA PHE B 76 0.12 -8.69 33.29
C PHE B 76 -0.93 -7.84 34.00
N LEU B 77 -1.40 -6.77 33.37
CA LEU B 77 -2.42 -5.93 33.97
C LEU B 77 -3.74 -6.69 34.12
N ILE B 78 -4.12 -7.45 33.09
CA ILE B 78 -5.42 -8.14 33.12
C ILE B 78 -5.45 -9.19 34.22
N TRP B 79 -4.40 -10.00 34.31
CA TRP B 79 -4.38 -11.06 35.32
C TRP B 79 -4.27 -10.47 36.72
N ALA B 80 -3.57 -9.34 36.87
CA ALA B 80 -3.55 -8.66 38.15
C ALA B 80 -4.93 -8.17 38.54
N LEU B 81 -5.71 -7.70 37.56
CA LEU B 81 -7.07 -7.26 37.84
C LEU B 81 -7.95 -8.44 38.23
N PHE B 82 -7.68 -9.63 37.67
CA PHE B 82 -8.42 -10.82 38.05
C PHE B 82 -8.21 -11.16 39.53
N ILE B 83 -6.98 -11.04 40.01
CA ILE B 83 -6.67 -11.44 41.38
C ILE B 83 -7.36 -10.54 42.39
N VAL B 84 -7.27 -9.22 42.20
CA VAL B 84 -7.89 -8.29 43.13
C VAL B 84 -9.40 -8.45 43.10
N ALA B 85 -9.98 -8.65 41.92
CA ALA B 85 -11.43 -8.85 41.83
C ALA B 85 -11.86 -10.10 42.56
N ASP B 86 -11.11 -11.19 42.42
CA ASP B 86 -11.46 -12.43 43.08
C ASP B 86 -11.43 -12.29 44.60
N TRP B 87 -10.38 -11.64 45.12
CA TRP B 87 -10.25 -11.51 46.58
C TRP B 87 -11.37 -10.65 47.16
N MET B 88 -11.75 -9.58 46.45
CA MET B 88 -12.78 -8.67 46.93
C MET B 88 -14.19 -9.19 46.67
N MET B 89 -14.33 -10.31 45.95
CA MET B 89 -15.63 -10.85 45.60
C MET B 89 -16.02 -12.08 46.41
N VAL B 90 -15.12 -13.06 46.55
CA VAL B 90 -15.42 -14.30 47.27
C VAL B 90 -14.99 -14.13 48.72
N ASP B 91 -15.81 -14.64 49.64
CA ASP B 91 -15.48 -14.61 51.06
C ASP B 91 -14.51 -15.74 51.39
N ILE B 92 -13.52 -15.43 52.22
CA ILE B 92 -12.46 -16.37 52.55
C ILE B 92 -12.81 -17.09 53.85
N ARG B 93 -13.57 -16.41 54.72
CA ARG B 93 -13.92 -16.99 56.01
C ARG B 93 -14.76 -18.25 55.86
N LEU B 94 -15.54 -18.39 54.79
CA LEU B 94 -16.33 -19.58 54.57
C LEU B 94 -15.70 -20.55 53.59
N HIS B 95 -14.94 -20.05 52.61
CA HIS B 95 -14.27 -20.89 51.62
C HIS B 95 -12.82 -20.45 51.50
N PRO B 96 -11.98 -20.78 52.48
CA PRO B 96 -10.57 -20.36 52.41
C PRO B 96 -9.77 -21.23 51.45
N SER B 97 -10.12 -22.51 51.36
CA SER B 97 -9.40 -23.43 50.48
C SER B 97 -9.58 -23.04 49.02
N LEU B 98 -10.80 -22.65 48.64
CA LEU B 98 -11.05 -22.21 47.26
C LEU B 98 -10.22 -20.98 46.92
N PHE B 99 -10.16 -20.03 47.84
CA PHE B 99 -9.39 -18.81 47.60
C PHE B 99 -7.90 -19.13 47.43
N GLU B 100 -7.38 -20.04 48.26
CA GLU B 100 -5.96 -20.39 48.17
C GLU B 100 -5.63 -21.07 46.85
N GLN B 101 -6.48 -21.99 46.41
CA GLN B 101 -6.21 -22.68 45.15
C GLN B 101 -6.26 -21.73 43.97
N LEU B 102 -7.25 -20.83 43.94
CA LEU B 102 -7.33 -19.85 42.87
C LEU B 102 -6.13 -18.92 42.88
N LEU B 103 -5.71 -18.47 44.07
CA LEU B 103 -4.59 -17.55 44.17
C LEU B 103 -3.30 -18.20 43.67
N GLY B 104 -3.16 -19.51 43.89
CA GLY B 104 -1.97 -20.19 43.40
C GLY B 104 -1.91 -20.23 41.88
N VAL B 105 -3.05 -20.52 41.23
CA VAL B 105 -3.08 -20.61 39.78
C VAL B 105 -2.78 -19.26 39.15
N ARG B 106 -3.40 -18.20 39.67
CA ARG B 106 -3.22 -16.87 39.07
C ARG B 106 -1.79 -16.39 39.19
N LEU B 107 -1.18 -16.51 40.38
CA LEU B 107 0.21 -16.11 40.55
C LEU B 107 1.14 -17.02 39.77
N GLY B 108 0.73 -18.27 39.52
CA GLY B 108 1.56 -19.16 38.75
C GLY B 108 1.83 -18.65 37.34
N MET B 109 0.77 -18.18 36.66
CA MET B 109 0.96 -17.62 35.34
C MET B 109 1.66 -16.27 35.38
N ILE B 110 1.40 -15.48 36.43
CA ILE B 110 2.08 -14.20 36.56
C ILE B 110 3.58 -14.39 36.69
N GLY B 111 4.00 -15.33 37.53
CA GLY B 111 5.41 -15.68 37.59
C GLY B 111 5.91 -16.26 36.29
N LEU B 112 5.09 -17.07 35.64
CA LEU B 112 5.46 -17.61 34.33
C LEU B 112 5.43 -16.52 33.27
N LEU B 113 4.65 -15.46 33.50
CA LEU B 113 4.63 -14.34 32.56
C LEU B 113 5.90 -13.50 32.68
N LEU B 114 6.53 -13.52 33.86
CA LEU B 114 7.79 -12.79 34.05
C LEU B 114 9.00 -13.59 33.60
N VAL B 115 8.83 -14.89 33.33
CA VAL B 115 9.95 -15.69 32.82
C VAL B 115 9.98 -15.71 31.29
N VAL B 116 8.84 -15.50 30.63
CA VAL B 116 8.84 -15.32 29.19
C VAL B 116 9.06 -13.85 28.82
N TRP B 117 8.88 -12.94 29.79
CA TRP B 117 9.14 -11.52 29.57
C TRP B 117 10.54 -11.21 29.07
N PRO B 118 11.62 -11.78 29.63
CA PRO B 118 12.95 -11.49 29.07
C PRO B 118 13.16 -12.01 27.66
N ALA B 119 12.33 -12.95 27.20
CA ALA B 119 12.47 -13.51 25.87
C ALA B 119 11.70 -12.74 24.80
N ALA B 120 11.05 -11.63 25.17
CA ALA B 120 10.28 -10.84 24.22
C ALA B 120 10.86 -9.47 23.97
N PHE B 121 11.79 -9.00 24.80
CA PHE B 121 12.40 -7.69 24.59
C PHE B 121 13.79 -7.77 23.98
N LEU B 122 14.51 -8.86 24.20
CA LEU B 122 15.86 -8.98 23.67
C LEU B 122 15.80 -9.31 22.18
N PRO B 123 16.38 -8.47 21.32
CA PRO B 123 16.29 -8.74 19.87
C PRO B 123 17.06 -9.98 19.43
N SER B 124 17.97 -10.48 20.27
CA SER B 124 18.82 -11.60 19.86
C SER B 124 18.01 -12.87 19.63
N LEU B 125 16.93 -13.07 20.37
CA LEU B 125 16.14 -14.29 20.28
C LEU B 125 14.69 -14.03 19.91
N ARG B 126 14.41 -12.95 19.17
CA ARG B 126 13.04 -12.67 18.77
C ARG B 126 12.48 -13.75 17.86
N LYS B 127 13.35 -14.53 17.22
CA LYS B 127 12.88 -15.57 16.30
C LYS B 127 12.11 -16.65 17.03
N VAL B 128 12.59 -17.06 18.21
CA VAL B 128 11.94 -18.15 18.93
C VAL B 128 10.56 -17.73 19.44
N GLY B 129 10.34 -16.43 19.64
CA GLY B 129 9.04 -15.94 20.07
C GLY B 129 7.95 -16.16 19.04
N ASP B 130 8.31 -16.35 17.77
CA ASP B 130 7.33 -16.62 16.74
C ASP B 130 6.67 -17.98 16.94
N ALA B 131 7.39 -18.93 17.52
CA ALA B 131 6.83 -20.27 17.74
C ALA B 131 6.26 -20.46 19.13
N ILE B 132 6.71 -19.67 20.12
CA ILE B 132 6.19 -19.78 21.48
C ILE B 132 5.04 -18.82 21.76
N ALA B 133 4.73 -17.92 20.82
CA ALA B 133 3.57 -17.05 21.00
C ALA B 133 2.27 -17.83 21.09
N PRO B 134 2.00 -18.84 20.27
CA PRO B 134 0.83 -19.70 20.55
C PRO B 134 0.94 -20.42 21.88
N TYR B 135 2.16 -20.77 22.30
CA TYR B 135 2.32 -21.41 23.61
C TYR B 135 1.96 -20.45 24.74
N CYS B 136 2.37 -19.20 24.62
CA CYS B 136 2.11 -18.23 25.69
C CYS B 136 0.66 -17.78 25.73
N LEU B 137 -0.14 -18.05 24.70
CA LEU B 137 -1.55 -17.65 24.67
C LEU B 137 -2.46 -18.77 25.16
N LEU B 138 -2.35 -19.97 24.57
CA LEU B 138 -3.22 -21.07 24.96
C LEU B 138 -2.98 -21.46 26.41
N LEU B 139 -1.78 -21.24 26.91
CA LEU B 139 -1.52 -21.49 28.33
C LEU B 139 -2.24 -20.47 29.21
N ILE B 140 -2.35 -19.23 28.73
CA ILE B 140 -3.14 -18.23 29.45
C ILE B 140 -4.62 -18.63 29.44
N ASN B 141 -5.12 -19.10 28.30
CA ASN B 141 -6.48 -19.60 28.23
C ASN B 141 -6.68 -20.76 29.20
N LEU B 142 -5.66 -21.60 29.37
CA LEU B 142 -5.76 -22.73 30.28
C LEU B 142 -6.04 -22.27 31.70
N ALA B 143 -5.46 -21.14 32.11
CA ALA B 143 -5.67 -20.65 33.47
C ALA B 143 -7.04 -19.99 33.62
N VAL B 144 -7.58 -19.43 32.54
CA VAL B 144 -8.86 -18.74 32.62
C VAL B 144 -9.96 -19.72 33.05
N LEU B 145 -10.00 -20.88 32.40
CA LEU B 145 -10.97 -21.90 32.77
C LEU B 145 -10.59 -22.59 34.08
N ALA B 146 -9.29 -22.63 34.41
CA ALA B 146 -8.85 -23.26 35.64
C ALA B 146 -9.41 -22.55 36.86
N CYS B 147 -9.47 -21.22 36.81
CA CYS B 147 -10.10 -20.47 37.89
C CYS B 147 -11.58 -20.79 38.00
N ASP B 148 -12.27 -20.99 36.89
CA ASP B 148 -13.70 -21.25 37.01
C ASP B 148 -13.90 -22.66 37.41
N VAL B 149 -13.08 -23.56 36.89
CA VAL B 149 -13.29 -24.98 37.16
C VAL B 149 -13.13 -25.29 38.64
N LEU B 150 -12.79 -24.27 39.44
CA LEU B 150 -12.65 -24.48 40.88
C LEU B 150 -13.83 -23.94 41.68
N PHE B 151 -14.61 -23.02 41.11
CA PHE B 151 -15.79 -22.51 41.82
C PHE B 151 -16.80 -23.63 42.07
N GLU B 152 -17.06 -24.47 41.08
CA GLU B 152 -17.98 -25.58 41.27
C GLU B 152 -17.34 -26.73 42.05
N TRP B 153 -16.01 -26.83 42.03
CA TRP B 153 -15.34 -27.84 42.85
C TRP B 153 -15.63 -27.62 44.33
N HIS B 154 -15.63 -26.37 44.77
CA HIS B 154 -15.91 -26.03 46.15
C HIS B 154 -17.37 -25.65 46.37
N GLY B 155 -18.23 -25.87 45.39
CA GLY B 155 -19.65 -25.62 45.55
C GLY B 155 -20.04 -24.16 45.74
N VAL B 156 -19.42 -23.26 45.00
CA VAL B 156 -19.73 -21.84 45.06
C VAL B 156 -20.14 -21.39 43.66
N PRO B 157 -21.33 -20.79 43.49
CA PRO B 157 -21.75 -20.37 42.16
C PRO B 157 -20.90 -19.24 41.62
N ARG B 158 -20.76 -19.22 40.30
CA ARG B 158 -19.95 -18.20 39.64
C ARG B 158 -20.58 -16.82 39.79
N PHE B 159 -19.75 -15.80 39.68
CA PHE B 159 -20.20 -14.42 39.71
C PHE B 159 -19.92 -13.66 38.43
N THR B 160 -19.22 -14.25 37.46
CA THR B 160 -18.96 -13.60 36.18
C THR B 160 -18.69 -14.67 35.13
N GLN B 161 -19.50 -14.67 34.08
CA GLN B 161 -19.31 -15.59 32.96
C GLN B 161 -18.51 -15.00 31.83
N LEU B 162 -18.01 -13.78 32.00
CA LEU B 162 -17.25 -13.10 30.95
C LEU B 162 -15.76 -13.43 30.98
N GLY B 163 -15.32 -14.27 31.91
CA GLY B 163 -13.92 -14.65 31.96
C GLY B 163 -13.48 -15.42 30.73
N ALA B 164 -14.30 -16.37 30.28
CA ALA B 164 -13.94 -17.18 29.12
C ALA B 164 -13.82 -16.33 27.87
N THR B 165 -14.67 -15.30 27.73
CA THR B 165 -14.62 -14.44 26.57
C THR B 165 -13.29 -13.70 26.47
N LEU B 166 -12.77 -13.21 27.59
CA LEU B 166 -11.54 -12.43 27.54
C LEU B 166 -10.34 -13.30 27.20
N GLY B 167 -10.38 -14.57 27.53
CA GLY B 167 -9.33 -15.47 27.08
C GLY B 167 -9.36 -15.68 25.58
N ILE B 168 -10.54 -15.70 24.98
CA ILE B 168 -10.66 -15.88 23.54
C ILE B 168 -10.17 -14.63 22.81
N LEU B 169 -10.54 -13.44 23.29
CA LEU B 169 -10.11 -12.21 22.65
C LEU B 169 -8.61 -11.98 22.75
N ALA B 170 -7.93 -12.64 23.69
CA ALA B 170 -6.48 -12.52 23.74
C ALA B 170 -5.83 -13.12 22.49
N VAL B 171 -6.51 -14.07 21.84
CA VAL B 171 -5.97 -14.67 20.63
C VAL B 171 -5.87 -13.64 19.52
N PHE B 172 -6.82 -12.71 19.46
CA PHE B 172 -6.86 -11.74 18.38
C PHE B 172 -6.01 -10.51 18.63
N PHE B 173 -5.28 -10.47 19.74
CA PHE B 173 -4.35 -9.37 19.96
C PHE B 173 -3.26 -9.39 18.90
N PRO B 174 -2.87 -8.23 18.35
CA PRO B 174 -1.92 -8.23 17.24
C PRO B 174 -0.50 -8.58 17.67
N LEU B 175 -0.23 -9.88 17.82
CA LEU B 175 1.10 -10.37 18.15
C LEU B 175 1.98 -10.60 16.93
N GLY B 176 1.63 -10.00 15.79
CA GLY B 176 2.41 -10.19 14.59
C GLY B 176 2.23 -11.53 13.92
N LEU B 177 1.22 -12.30 14.30
CA LEU B 177 0.96 -13.58 13.68
C LEU B 177 0.09 -13.39 12.43
N ALA B 178 0.07 -14.42 11.60
CA ALA B 178 -0.68 -14.36 10.35
C ALA B 178 -2.18 -14.48 10.60
N PHE B 179 -2.95 -14.42 9.52
CA PHE B 179 -4.39 -14.59 9.63
C PHE B 179 -4.74 -16.00 10.09
N TRP B 180 -4.19 -17.01 9.42
CA TRP B 180 -4.58 -18.39 9.72
C TRP B 180 -4.02 -18.86 11.06
N ALA B 181 -2.95 -18.25 11.54
CA ALA B 181 -2.42 -18.61 12.86
C ALA B 181 -3.38 -18.20 13.96
N CYS B 182 -3.87 -16.95 13.92
CA CYS B 182 -4.80 -16.48 14.93
C CYS B 182 -6.15 -17.20 14.83
N VAL B 183 -6.63 -17.42 13.60
CA VAL B 183 -7.93 -18.03 13.41
C VAL B 183 -7.95 -19.46 13.93
N ARG B 184 -6.90 -20.23 13.62
CA ARG B 184 -6.86 -21.61 14.07
C ARG B 184 -6.65 -21.69 15.59
N LEU B 185 -6.03 -20.66 16.16
CA LEU B 185 -5.80 -20.67 17.61
C LEU B 185 -7.09 -20.44 18.37
N ALA B 186 -7.90 -19.47 17.95
CA ALA B 186 -9.16 -19.19 18.64
C ALA B 186 -10.13 -20.34 18.49
N LEU B 187 -10.17 -20.98 17.33
CA LEU B 187 -11.05 -22.13 17.14
C LEU B 187 -10.66 -23.27 18.08
N LEU B 188 -9.37 -23.51 18.25
CA LEU B 188 -8.92 -24.48 19.25
C LEU B 188 -9.30 -24.03 20.65
N CYS B 189 -9.16 -22.73 20.93
CA CYS B 189 -9.58 -22.20 22.22
C CYS B 189 -11.08 -22.39 22.42
N LEU B 190 -11.87 -22.17 21.37
CA LEU B 190 -13.32 -22.38 21.47
C LEU B 190 -13.64 -23.83 21.77
N ALA B 191 -12.96 -24.77 21.11
CA ALA B 191 -13.22 -26.18 21.35
C ALA B 191 -12.85 -26.58 22.77
N LEU B 192 -11.70 -26.10 23.25
CA LEU B 192 -11.30 -26.42 24.62
C LEU B 192 -12.23 -25.77 25.64
N ASN B 193 -12.71 -24.56 25.34
CA ASN B 193 -13.63 -23.88 26.23
C ASN B 193 -14.96 -24.64 26.32
N LEU B 194 -15.43 -25.16 25.19
CA LEU B 194 -16.66 -25.96 25.20
C LEU B 194 -16.44 -27.30 25.90
N ALA B 195 -15.26 -27.89 25.73
CA ALA B 195 -15.00 -29.20 26.30
C ALA B 195 -14.96 -29.17 27.82
N VAL B 196 -14.39 -28.10 28.39
CA VAL B 196 -14.20 -28.07 29.84
C VAL B 196 -15.54 -28.03 30.57
N PHE B 197 -16.57 -27.44 29.96
CA PHE B 197 -17.87 -27.36 30.60
C PHE B 197 -18.70 -28.63 30.42
N LEU B 198 -18.42 -29.41 29.38
CA LEU B 198 -19.22 -30.62 29.15
C LEU B 198 -18.91 -31.70 30.18
N LEU B 199 -17.62 -31.92 30.47
CA LEU B 199 -17.23 -32.96 31.40
C LEU B 199 -17.20 -32.49 32.85
N PHE B 200 -17.37 -31.20 33.10
CA PHE B 200 -17.26 -30.64 34.43
C PHE B 200 -18.54 -29.90 34.81
N GLY B 201 -18.88 -29.95 36.10
CA GLY B 201 -20.06 -29.27 36.59
C GLY B 201 -21.36 -29.77 35.97
N GLY B 202 -21.48 -31.08 35.79
CA GLY B 202 -22.63 -31.62 35.11
C GLY B 202 -23.91 -31.43 35.91
N GLU B 203 -25.03 -31.35 35.18
CA GLU B 203 -26.36 -31.17 35.77
C GLU B 203 -26.41 -29.92 36.65
N GLU B 204 -25.68 -28.89 36.24
CA GLU B 204 -25.70 -27.62 36.96
C GLU B 204 -25.20 -26.53 36.03
N ASN B 205 -26.02 -25.54 35.73
CA ASN B 205 -25.58 -24.45 34.87
C ASN B 205 -25.24 -24.86 33.45
N LEU B 206 -25.63 -26.03 33.01
CA LEU B 206 -25.20 -26.47 31.68
C LEU B 206 -25.74 -25.55 30.60
N ARG B 207 -26.99 -25.12 30.73
CA ARG B 207 -27.60 -24.29 29.69
C ARG B 207 -26.91 -22.94 29.59
N THR B 208 -26.52 -22.34 30.72
CA THR B 208 -25.96 -20.99 30.67
C THR B 208 -24.54 -20.99 30.10
N ASN B 209 -23.77 -22.06 30.33
CA ASN B 209 -22.44 -22.11 29.75
C ASN B 209 -22.49 -22.42 28.26
N LEU B 210 -23.39 -23.32 27.85
CA LEU B 210 -23.48 -23.64 26.43
C LEU B 210 -23.91 -22.42 25.62
N LEU B 211 -24.82 -21.62 26.16
CA LEU B 211 -25.20 -20.38 25.48
C LEU B 211 -24.03 -19.40 25.44
N ASN B 212 -23.29 -19.29 26.55
CA ASN B 212 -22.13 -18.40 26.58
C ASN B 212 -21.06 -18.85 25.59
N THR B 213 -20.82 -20.16 25.51
CA THR B 213 -19.89 -20.68 24.52
C THR B 213 -20.40 -20.42 23.10
N LEU B 214 -21.71 -20.57 22.89
CA LEU B 214 -22.30 -20.21 21.61
C LEU B 214 -22.16 -18.72 21.34
N TYR B 215 -22.37 -17.89 22.37
CA TYR B 215 -22.17 -16.46 22.21
C TYR B 215 -20.72 -16.13 21.88
N ASN B 216 -19.81 -16.91 22.38
CA ASN B 216 -18.43 -16.64 22.11
C ASN B 216 -18.18 -16.95 20.66
N GLY B 217 -18.83 -17.96 20.13
CA GLY B 217 -18.65 -18.28 18.72
C GLY B 217 -18.94 -17.09 17.82
N LEU B 218 -19.98 -16.33 18.14
CA LEU B 218 -20.25 -15.09 17.41
C LEU B 218 -19.16 -14.06 17.66
N VAL B 219 -18.56 -14.08 18.85
CA VAL B 219 -17.46 -13.18 19.16
C VAL B 219 -16.28 -13.45 18.25
N VAL B 220 -15.95 -14.72 18.04
CA VAL B 220 -14.87 -15.09 17.14
C VAL B 220 -15.20 -14.68 15.70
N LEU B 221 -16.44 -14.94 15.28
CA LEU B 221 -16.83 -14.64 13.90
C LEU B 221 -16.76 -13.13 13.63
N ILE B 222 -17.24 -12.33 14.57
CA ILE B 222 -17.21 -10.88 14.38
C ILE B 222 -15.78 -10.37 14.29
N CYS B 223 -14.90 -10.87 15.15
CA CYS B 223 -13.51 -10.43 15.13
C CYS B 223 -12.77 -10.95 13.91
N SER B 224 -13.25 -12.04 13.31
CA SER B 224 -12.61 -12.57 12.11
C SER B 224 -12.81 -11.64 10.91
N PHE B 225 -13.97 -10.98 10.84
CA PHE B 225 -14.20 -10.01 9.78
C PHE B 225 -13.17 -8.89 9.83
N ALA B 226 -12.96 -8.30 11.01
CA ALA B 226 -12.05 -7.17 11.12
C ALA B 226 -10.60 -7.59 10.88
N LEU B 227 -10.21 -8.76 11.37
CA LEU B 227 -8.83 -9.19 11.20
C LEU B 227 -8.52 -9.48 9.74
N TYR B 228 -9.52 -9.98 9.00
CA TYR B 228 -9.32 -10.24 7.58
C TYR B 228 -8.97 -8.96 6.84
N LEU B 229 -9.69 -7.87 7.11
CA LEU B 229 -9.39 -6.61 6.46
C LEU B 229 -8.03 -6.08 6.88
N GLN B 230 -7.64 -6.34 8.12
CA GLN B 230 -6.32 -5.91 8.58
C GLN B 230 -5.20 -6.61 7.82
N ASP B 231 -5.27 -7.94 7.74
CA ASP B 231 -4.19 -8.68 7.10
C ASP B 231 -4.17 -8.45 5.59
N TYR B 232 -5.36 -8.35 4.96
CA TYR B 232 -5.40 -8.06 3.53
C TYR B 232 -4.80 -6.70 3.24
N ALA B 233 -5.10 -5.70 4.06
CA ALA B 233 -4.51 -4.38 3.87
C ALA B 233 -3.01 -4.41 4.12
N GLN B 234 -2.58 -5.15 5.14
CA GLN B 234 -1.16 -5.18 5.50
C GLN B 234 -0.32 -5.76 4.39
N ARG B 235 -0.74 -6.90 3.83
CA ARG B 235 0.06 -7.53 2.78
C ARG B 235 0.17 -6.64 1.55
N GLU B 236 -0.94 -6.04 1.13
CA GLU B 236 -0.94 -5.20 -0.05
C GLU B 236 -0.30 -3.84 0.24
N GLN B 237 -0.07 -3.54 1.48
CA GLN B 237 0.68 -2.33 1.75
C GLN B 237 2.12 -2.74 1.68
N PHE B 238 2.45 -3.96 2.12
CA PHE B 238 3.83 -4.39 1.95
C PHE B 238 4.20 -4.55 0.49
N LEU B 239 3.28 -5.09 -0.32
CA LEU B 239 3.57 -5.29 -1.73
C LEU B 239 3.79 -3.96 -2.44
N GLY B 240 3.06 -2.93 -2.04
CA GLY B 240 3.20 -1.63 -2.70
C GLY B 240 4.57 -1.01 -2.48
N ARG B 241 5.06 -1.05 -1.24
CA ARG B 241 6.31 -0.37 -0.93
C ARG B 241 7.49 -1.05 -1.62
N ARG B 242 7.45 -2.38 -1.74
CA ARG B 242 8.51 -3.08 -2.46
C ARG B 242 8.49 -2.73 -3.94
N LEU B 243 7.29 -2.75 -4.53
CA LEU B 243 7.16 -2.43 -5.95
C LEU B 243 7.47 -0.97 -6.22
N LEU B 244 7.03 -0.08 -5.32
CA LEU B 244 7.31 1.35 -5.51
C LEU B 244 8.80 1.64 -5.45
N GLY B 245 9.51 1.03 -4.50
CA GLY B 245 10.94 1.25 -4.41
C GLY B 245 11.70 0.70 -5.59
N MET B 246 11.34 -0.51 -6.04
CA MET B 246 12.00 -1.10 -7.20
C MET B 246 11.76 -0.27 -8.46
N MET B 247 10.54 0.24 -8.62
CA MET B 247 10.21 1.02 -9.81
C MET B 247 11.05 2.30 -9.88
N ALA B 248 11.22 2.99 -8.76
CA ALA B 248 12.07 4.17 -8.73
C ALA B 248 13.54 3.82 -8.85
N GLU B 249 13.92 2.58 -8.48
CA GLU B 249 15.31 2.17 -8.55
C GLU B 249 15.75 1.92 -10.00
N GLN B 250 14.86 1.36 -10.81
CA GLN B 250 15.17 1.01 -12.20
C GLN B 250 14.34 1.86 -13.14
N ASP B 251 14.44 1.57 -14.43
CA ASP B 251 13.58 2.18 -15.42
C ASP B 251 12.36 1.29 -15.64
N SER B 252 11.56 1.60 -16.66
CA SER B 252 10.33 0.86 -16.92
C SER B 252 10.42 -0.04 -18.15
N LEU B 253 10.87 0.50 -19.29
CA LEU B 253 10.91 -0.29 -20.51
C LEU B 253 11.89 -1.45 -20.39
N THR B 254 13.08 -1.18 -19.84
CA THR B 254 14.10 -2.19 -19.66
C THR B 254 14.28 -2.47 -18.17
N GLY B 255 15.27 -3.30 -17.85
CA GLY B 255 15.62 -3.61 -16.48
C GLY B 255 16.84 -2.89 -15.95
N LEU B 256 17.38 -1.92 -16.68
CA LEU B 256 18.58 -1.22 -16.25
C LEU B 256 18.22 -0.18 -15.18
N VAL B 257 19.19 0.63 -14.80
CA VAL B 257 19.02 1.65 -13.78
C VAL B 257 18.66 2.97 -14.46
N ASN B 258 17.70 3.69 -13.89
CA ASN B 258 17.26 4.96 -14.45
C ASN B 258 18.35 6.01 -14.26
N ARG B 259 18.09 7.22 -14.75
CA ARG B 259 19.11 8.26 -14.80
C ARG B 259 19.53 8.74 -13.42
N ARG B 260 18.57 9.07 -12.56
CA ARG B 260 18.90 9.79 -11.33
C ARG B 260 19.56 8.87 -10.32
N TYR B 261 19.22 7.58 -10.34
CA TYR B 261 19.94 6.63 -9.48
C TYR B 261 21.37 6.41 -9.98
N TYR B 262 21.56 6.36 -11.30
CA TYR B 262 22.89 6.12 -11.85
C TYR B 262 23.86 7.23 -11.42
N GLU B 263 23.40 8.47 -11.44
CA GLU B 263 24.26 9.59 -11.07
C GLU B 263 24.71 9.48 -9.61
N LEU B 264 23.77 9.14 -8.71
CA LEU B 264 24.11 9.04 -7.30
C LEU B 264 25.05 7.87 -7.05
N LEU B 265 24.76 6.71 -7.66
CA LEU B 265 25.58 5.53 -7.42
C LEU B 265 26.98 5.69 -8.02
N ALA B 266 27.08 6.30 -9.20
CA ALA B 266 28.39 6.50 -9.82
C ALA B 266 29.26 7.41 -8.97
N GLN B 267 28.66 8.45 -8.37
CA GLN B 267 29.41 9.31 -7.45
C GLN B 267 29.92 8.52 -6.26
N ARG B 268 29.08 7.63 -5.71
CA ARG B 268 29.53 6.72 -4.66
C ARG B 268 30.62 5.80 -5.16
N ALA B 269 30.48 5.29 -6.38
CA ALA B 269 31.50 4.43 -6.97
C ALA B 269 32.82 5.18 -7.15
N LEU B 270 32.75 6.42 -7.63
CA LEU B 270 33.96 7.22 -7.78
C LEU B 270 34.59 7.51 -6.43
N GLU B 271 33.77 7.85 -5.43
CA GLU B 271 34.30 8.09 -4.08
C GLU B 271 34.92 6.82 -3.51
N GLN B 272 34.25 5.68 -3.69
CA GLN B 272 34.80 4.41 -3.21
C GLN B 272 36.08 4.05 -3.94
N GLY B 273 36.11 4.28 -5.26
CA GLY B 273 37.31 3.98 -6.02
C GLY B 273 38.50 4.81 -5.58
N ALA B 274 38.27 6.10 -5.29
CA ALA B 274 39.35 6.94 -4.79
C ALA B 274 39.79 6.50 -3.41
N ARG B 275 38.85 6.00 -2.60
CA ARG B 275 39.20 5.55 -1.25
C ARG B 275 40.17 4.38 -1.29
N GLU B 276 39.94 3.41 -2.18
CA GLU B 276 40.81 2.26 -2.32
C GLU B 276 41.85 2.42 -3.42
N GLU B 277 41.90 3.58 -4.06
CA GLU B 277 42.97 3.94 -5.00
C GLU B 277 43.05 2.95 -6.17
N LYS B 278 41.99 2.92 -6.96
CA LYS B 278 41.96 2.13 -8.18
C LYS B 278 41.09 2.84 -9.20
N GLY B 279 41.54 2.86 -10.45
CA GLY B 279 40.83 3.55 -11.50
C GLY B 279 39.51 2.89 -11.86
N VAL B 280 38.63 3.68 -12.46
CA VAL B 280 37.31 3.23 -12.88
C VAL B 280 37.20 3.43 -14.39
N ALA B 281 36.78 2.39 -15.08
CA ALA B 281 36.66 2.40 -16.54
C ALA B 281 35.20 2.54 -16.95
N LEU B 282 34.96 3.42 -17.92
CA LEU B 282 33.61 3.69 -18.40
C LEU B 282 33.51 3.35 -19.88
N ILE B 283 32.47 2.62 -20.25
CA ILE B 283 32.16 2.26 -21.63
C ILE B 283 30.71 2.60 -21.90
N LEU B 284 30.46 3.34 -22.97
CA LEU B 284 29.12 3.81 -23.32
C LEU B 284 28.64 3.10 -24.58
N VAL B 285 27.35 2.79 -24.62
CA VAL B 285 26.73 2.04 -25.71
C VAL B 285 25.75 2.94 -26.43
N ASP B 286 25.86 2.99 -27.75
CA ASP B 286 24.97 3.79 -28.59
C ASP B 286 24.51 2.98 -29.78
N VAL B 287 23.23 3.10 -30.12
CA VAL B 287 22.66 2.47 -31.30
C VAL B 287 22.83 3.42 -32.47
N ASP B 288 23.16 2.87 -33.64
CA ASP B 288 23.41 3.66 -34.84
C ASP B 288 22.22 3.59 -35.79
N ASP B 289 21.83 4.75 -36.33
CA ASP B 289 20.82 4.85 -37.39
C ASP B 289 19.47 4.27 -36.93
N PHE B 290 18.87 4.94 -35.94
CA PHE B 290 17.60 4.48 -35.39
C PHE B 290 16.40 5.09 -36.09
N LYS B 291 16.56 6.17 -36.87
CA LYS B 291 15.45 6.64 -37.68
C LYS B 291 15.00 5.58 -38.68
N ALA B 292 15.95 4.90 -39.32
CA ALA B 292 15.60 3.89 -40.30
C ALA B 292 14.79 2.76 -39.66
N TYR B 293 15.18 2.35 -38.46
CA TYR B 293 14.41 1.32 -37.76
C TYR B 293 13.02 1.83 -37.40
N ASN B 294 12.93 3.08 -36.94
CA ASN B 294 11.65 3.62 -36.50
C ASN B 294 10.68 3.79 -37.66
N ASP B 295 11.13 4.44 -38.75
CA ASP B 295 10.21 4.83 -39.81
C ASP B 295 9.91 3.71 -40.80
N HIS B 296 10.69 2.63 -40.79
CA HIS B 296 10.47 1.52 -41.71
C HIS B 296 9.82 0.32 -41.03
N TYR B 297 10.01 0.15 -39.72
CA TYR B 297 9.43 -0.97 -38.99
C TYR B 297 8.31 -0.56 -38.06
N GLY B 298 8.14 0.72 -37.78
CA GLY B 298 7.09 1.19 -36.91
C GLY B 298 7.63 1.61 -35.54
N HIS B 299 6.91 2.54 -34.91
CA HIS B 299 7.30 3.01 -33.59
C HIS B 299 7.31 1.91 -32.54
N PRO B 300 6.25 1.11 -32.36
CA PRO B 300 6.32 0.06 -31.34
C PRO B 300 7.33 -1.02 -31.67
N ALA B 301 7.45 -1.40 -32.95
CA ALA B 301 8.41 -2.43 -33.34
C ALA B 301 9.84 -1.90 -33.30
N GLY B 302 10.01 -0.61 -33.61
CA GLY B 302 11.35 -0.02 -33.65
C GLY B 302 12.11 -0.28 -32.36
N ASP B 303 11.46 -0.08 -31.21
CA ASP B 303 12.16 -0.22 -29.91
C ASP B 303 11.69 -1.48 -29.19
N ALA B 304 10.75 -2.22 -29.79
CA ALA B 304 10.37 -3.51 -29.17
C ALA B 304 11.67 -4.27 -28.90
N ALA B 305 12.69 -4.03 -29.73
CA ALA B 305 13.98 -4.69 -29.57
C ALA B 305 14.80 -4.11 -28.43
N LEU B 306 14.34 -3.01 -27.81
CA LEU B 306 15.12 -2.38 -26.75
C LEU B 306 15.32 -3.32 -25.57
N ARG B 307 14.31 -4.12 -25.23
CA ARG B 307 14.49 -5.12 -24.17
C ARG B 307 15.55 -6.14 -24.56
N GLN B 308 15.56 -6.56 -25.82
CA GLN B 308 16.57 -7.50 -26.29
C GLN B 308 17.96 -6.91 -26.15
N LEU B 309 18.11 -5.63 -26.47
CA LEU B 309 19.39 -4.96 -26.22
C LEU B 309 19.71 -4.94 -24.74
N GLY B 310 18.69 -4.77 -23.89
CA GLY B 310 18.94 -4.70 -22.47
C GLY B 310 19.48 -5.99 -21.89
N VAL B 311 18.88 -7.13 -22.27
CA VAL B 311 19.29 -8.41 -21.69
C VAL B 311 20.69 -8.79 -22.18
N VAL B 312 20.97 -8.62 -23.47
CA VAL B 312 22.29 -8.94 -23.99
C VAL B 312 23.34 -7.98 -23.45
N LEU B 313 22.95 -6.76 -23.07
CA LEU B 313 23.88 -5.86 -22.39
C LEU B 313 24.05 -6.26 -20.93
N ARG B 314 22.97 -6.74 -20.30
CA ARG B 314 23.05 -7.10 -18.89
C ARG B 314 23.81 -8.41 -18.69
N GLN B 315 23.66 -9.36 -19.62
CA GLN B 315 24.36 -10.64 -19.49
C GLN B 315 25.87 -10.44 -19.55
N GLY B 316 26.34 -9.40 -20.23
CA GLY B 316 27.74 -9.04 -20.24
C GLY B 316 28.17 -8.20 -19.06
N ALA B 317 27.26 -7.92 -18.14
CA ALA B 317 27.52 -7.12 -16.95
C ALA B 317 27.27 -8.00 -15.73
N ARG B 318 28.30 -8.73 -15.29
CA ARG B 318 28.17 -9.65 -14.18
C ARG B 318 29.27 -9.49 -13.13
N ARG B 319 30.23 -8.60 -13.35
CA ARG B 319 31.30 -8.39 -12.39
C ARG B 319 30.76 -7.74 -11.12
N PRO B 320 31.43 -7.94 -9.99
CA PRO B 320 31.02 -7.23 -8.76
C PRO B 320 31.21 -5.73 -8.92
N LEU B 321 30.27 -4.97 -8.34
CA LEU B 321 30.24 -3.51 -8.45
C LEU B 321 30.24 -3.05 -9.92
N ASP B 322 29.68 -3.87 -10.80
CA ASP B 322 29.53 -3.53 -12.20
C ASP B 322 28.06 -3.21 -12.47
N ILE B 323 27.80 -2.05 -13.05
CA ILE B 323 26.44 -1.52 -13.13
C ILE B 323 25.99 -1.47 -14.58
N ALA B 324 24.68 -1.46 -14.76
CA ALA B 324 24.05 -1.27 -16.06
C ALA B 324 22.92 -0.27 -15.90
N ALA B 325 22.95 0.78 -16.73
CA ALA B 325 21.97 1.85 -16.60
C ALA B 325 21.71 2.46 -17.96
N ARG B 326 20.54 3.09 -18.09
CA ARG B 326 20.19 3.88 -19.25
C ARG B 326 20.16 5.35 -18.86
N LEU B 327 20.75 6.20 -19.70
CA LEU B 327 20.85 7.62 -19.41
C LEU B 327 19.71 8.42 -20.02
N GLY B 328 18.74 7.75 -20.62
CA GLY B 328 17.60 8.44 -21.20
C GLY B 328 17.68 8.56 -22.71
N GLY B 329 16.96 7.69 -23.42
CA GLY B 329 16.94 7.72 -24.87
C GLY B 329 17.61 6.48 -25.46
N GLU B 330 18.34 6.70 -26.55
CA GLU B 330 18.98 5.62 -27.28
C GLU B 330 20.33 5.20 -26.68
N GLU B 331 20.92 6.00 -25.81
CA GLU B 331 22.28 5.78 -25.36
C GLU B 331 22.31 5.21 -23.94
N PHE B 332 23.24 4.29 -23.70
CA PHE B 332 23.35 3.56 -22.45
C PHE B 332 24.78 3.61 -21.95
N ALA B 333 24.93 3.52 -20.63
CA ALA B 333 26.24 3.57 -19.99
C ALA B 333 26.34 2.48 -18.94
N VAL B 334 27.49 1.81 -18.90
CA VAL B 334 27.79 0.80 -17.90
C VAL B 334 29.17 1.10 -17.32
N LEU B 335 29.29 0.91 -16.01
CA LEU B 335 30.49 1.29 -15.27
C LEU B 335 31.24 0.04 -14.83
N LEU B 336 32.55 0.02 -15.05
CA LEU B 336 33.41 -1.11 -14.73
C LEU B 336 34.25 -0.77 -13.51
N TYR B 337 34.33 -1.71 -12.57
CA TYR B 337 35.05 -1.51 -11.32
C TYR B 337 36.22 -2.48 -11.25
N ASP B 338 37.42 -1.95 -11.04
CA ASP B 338 38.66 -2.73 -10.96
C ASP B 338 38.86 -3.59 -12.21
N SER B 339 39.03 -2.90 -13.34
CA SER B 339 39.32 -3.53 -14.62
C SER B 339 40.46 -2.80 -15.30
N GLU B 340 41.25 -3.54 -16.07
CA GLU B 340 42.37 -2.97 -16.81
C GLU B 340 41.95 -2.64 -18.23
N GLU B 341 42.82 -1.90 -18.92
CA GLU B 341 42.51 -1.46 -20.29
C GLU B 341 42.34 -2.65 -21.23
N GLY B 342 43.18 -3.68 -21.08
CA GLY B 342 43.04 -4.86 -21.90
C GLY B 342 41.71 -5.57 -21.68
N ASN B 343 41.27 -5.65 -20.42
CA ASN B 343 39.97 -6.26 -20.13
C ASN B 343 38.83 -5.46 -20.74
N THR B 344 38.90 -4.13 -20.63
CA THR B 344 37.83 -3.29 -21.17
C THR B 344 37.70 -3.44 -22.68
N LEU B 345 38.82 -3.48 -23.39
CA LEU B 345 38.79 -3.68 -24.83
C LEU B 345 38.24 -5.06 -25.17
N ALA B 346 38.62 -6.08 -24.39
CA ALA B 346 38.17 -7.45 -24.65
C ALA B 346 36.66 -7.57 -24.45
N ILE B 347 36.15 -7.05 -23.34
CA ILE B 347 34.72 -7.17 -23.07
C ILE B 347 33.91 -6.33 -24.06
N ALA B 348 34.44 -5.19 -24.47
CA ALA B 348 33.73 -4.36 -25.44
C ALA B 348 33.63 -5.06 -26.79
N GLU B 349 34.69 -5.76 -27.19
CA GLU B 349 34.68 -6.42 -28.49
C GLU B 349 33.64 -7.54 -28.54
N ARG B 350 33.54 -8.34 -27.48
CA ARG B 350 32.63 -9.49 -27.53
C ARG B 350 31.18 -9.04 -27.49
N LEU B 351 30.85 -8.01 -26.70
CA LEU B 351 29.47 -7.53 -26.67
C LEU B 351 29.09 -6.91 -28.01
N ARG B 352 30.04 -6.25 -28.67
CA ARG B 352 29.81 -5.76 -30.02
C ARG B 352 29.57 -6.92 -30.99
N GLN B 353 30.34 -7.99 -30.84
CA GLN B 353 30.10 -9.19 -31.65
C GLN B 353 28.78 -9.83 -31.29
N ALA B 354 28.44 -9.84 -30.00
CA ALA B 354 27.19 -10.49 -29.56
C ALA B 354 25.97 -9.78 -30.12
N VAL B 355 25.95 -8.44 -30.06
CA VAL B 355 24.83 -7.70 -30.60
C VAL B 355 24.79 -7.82 -32.12
N GLU B 356 25.95 -7.86 -32.77
CA GLU B 356 25.99 -8.13 -34.21
C GLU B 356 25.48 -9.52 -34.52
N ALA B 357 25.83 -10.51 -33.68
CA ALA B 357 25.36 -11.88 -33.87
C ALA B 357 23.86 -12.02 -33.64
N LEU B 358 23.22 -11.04 -33.00
CA LEU B 358 21.77 -11.11 -32.82
C LEU B 358 21.04 -11.11 -34.15
N GLY B 359 21.52 -10.33 -35.12
CA GLY B 359 20.98 -10.37 -36.46
C GLY B 359 19.56 -9.88 -36.63
N ILE B 360 19.23 -8.75 -36.00
CA ILE B 360 17.94 -8.11 -36.24
C ILE B 360 18.04 -7.30 -37.53
N GLU B 361 17.11 -7.54 -38.46
CA GLU B 361 17.15 -6.87 -39.74
C GLU B 361 16.97 -5.37 -39.56
N HIS B 362 17.78 -4.59 -40.29
CA HIS B 362 17.69 -3.14 -40.26
C HIS B 362 18.24 -2.65 -41.60
N LEU B 363 17.34 -2.35 -42.53
CA LEU B 363 17.73 -2.12 -43.92
C LEU B 363 18.46 -0.80 -44.12
N GLY B 364 18.26 0.18 -43.25
CA GLY B 364 18.86 1.48 -43.44
C GLY B 364 20.30 1.62 -43.00
N SER B 365 20.91 0.55 -42.51
CA SER B 365 22.26 0.63 -41.96
C SER B 365 23.28 0.80 -43.08
N SER B 366 24.22 1.73 -42.88
CA SER B 366 25.30 1.95 -43.82
C SER B 366 26.60 1.27 -43.39
N ALA B 367 26.58 0.52 -42.30
CA ALA B 367 27.77 -0.16 -41.81
C ALA B 367 27.62 -1.67 -41.74
N GLY B 368 26.50 -2.22 -42.17
CA GLY B 368 26.29 -3.66 -42.15
C GLY B 368 24.88 -4.03 -42.53
N PRO B 369 24.65 -5.32 -42.80
CA PRO B 369 23.28 -5.78 -43.12
C PRO B 369 22.30 -5.55 -41.98
N CYS B 370 22.75 -5.65 -40.74
CA CYS B 370 21.89 -5.49 -39.57
C CYS B 370 22.29 -4.22 -38.83
N LEU B 371 21.63 -3.99 -37.68
CA LEU B 371 21.90 -2.79 -36.89
C LEU B 371 23.30 -2.84 -36.31
N THR B 372 23.93 -1.67 -36.26
CA THR B 372 25.30 -1.54 -35.78
C THR B 372 25.33 -0.75 -34.49
N ILE B 373 26.35 -1.01 -33.67
CA ILE B 373 26.47 -0.42 -32.34
C ILE B 373 27.83 0.24 -32.22
N SER B 374 27.85 1.47 -31.71
CA SER B 374 29.09 2.21 -31.49
C SER B 374 29.43 2.23 -30.00
N LEU B 375 30.72 2.09 -29.70
CA LEU B 375 31.19 2.03 -28.32
C LEU B 375 32.26 3.08 -28.10
N GLY B 376 32.22 3.72 -26.93
CA GLY B 376 33.24 4.68 -26.55
C GLY B 376 33.73 4.47 -25.13
N VAL B 377 35.02 4.17 -24.97
CA VAL B 377 35.59 3.77 -23.68
C VAL B 377 36.49 4.89 -23.16
N ALA B 378 36.37 5.16 -21.87
CA ALA B 378 37.22 6.15 -21.22
C ALA B 378 37.69 5.59 -19.88
N TYR B 379 38.81 6.13 -19.40
CA TYR B 379 39.41 5.71 -18.14
C TYR B 379 39.42 6.89 -17.17
N SER B 380 39.10 6.60 -15.91
CA SER B 380 39.04 7.62 -14.86
C SER B 380 40.01 7.26 -13.73
N THR B 381 40.63 8.27 -13.15
CA THR B 381 41.58 8.09 -12.07
C THR B 381 40.95 8.54 -10.74
N SER B 382 41.75 8.47 -9.68
CA SER B 382 41.27 8.86 -8.36
C SER B 382 41.15 10.37 -8.26
N GLY B 383 40.14 10.82 -7.51
CA GLY B 383 39.90 12.24 -7.32
C GLY B 383 39.58 12.99 -8.60
N MET B 384 38.87 12.35 -9.53
CA MET B 384 38.52 12.96 -10.80
C MET B 384 37.04 12.71 -11.04
N GLY B 385 36.31 13.79 -11.36
CA GLY B 385 34.88 13.79 -11.24
C GLY B 385 34.12 13.14 -12.38
N LEU B 386 32.79 13.07 -12.20
CA LEU B 386 31.92 12.47 -13.19
C LEU B 386 31.89 13.27 -14.49
N ASP B 387 31.92 14.61 -14.38
CA ASP B 387 31.82 15.45 -15.57
C ASP B 387 33.01 15.23 -16.51
N ALA B 388 34.22 15.16 -15.96
CA ALA B 388 35.41 15.04 -16.80
C ALA B 388 35.44 13.71 -17.53
N LEU B 389 35.11 12.61 -16.84
CA LEU B 389 35.14 11.31 -17.49
C LEU B 389 34.08 11.20 -18.58
N TYR B 390 32.89 11.75 -18.32
CA TYR B 390 31.86 11.78 -19.36
C TYR B 390 32.31 12.62 -20.54
N ARG B 391 32.97 13.76 -20.27
CA ARG B 391 33.57 14.53 -21.35
C ARG B 391 34.68 13.74 -22.03
N GLU B 392 35.43 12.95 -21.25
CA GLU B 392 36.48 12.11 -21.82
C GLU B 392 35.93 10.85 -22.48
N ALA B 393 34.63 10.62 -22.40
CA ALA B 393 34.04 9.43 -23.01
C ALA B 393 33.17 9.73 -24.21
N ASP B 394 32.61 10.95 -24.29
CA ASP B 394 31.61 11.24 -25.32
C ASP B 394 32.22 11.30 -26.72
N ARG B 395 33.34 12.03 -26.88
CA ARG B 395 33.82 12.28 -28.24
C ARG B 395 34.49 11.05 -28.85
N ALA B 396 34.84 10.06 -28.02
CA ALA B 396 35.27 8.78 -28.58
C ALA B 396 34.12 8.12 -29.33
N LEU B 397 32.92 8.16 -28.75
CA LEU B 397 31.75 7.66 -29.45
C LEU B 397 31.40 8.53 -30.65
N TYR B 398 31.54 9.85 -30.50
CA TYR B 398 31.26 10.76 -31.61
C TYR B 398 32.23 10.55 -32.77
N GLU B 399 33.50 10.37 -32.44
CA GLU B 399 34.52 10.11 -33.50
C GLU B 399 34.35 8.68 -34.02
N ALA B 400 33.68 7.83 -33.25
CA ALA B 400 33.47 6.42 -33.66
C ALA B 400 32.18 6.31 -34.47
N LYS B 401 31.06 6.81 -33.91
CA LYS B 401 29.76 6.75 -34.62
C LYS B 401 29.93 7.31 -36.04
N ASP B 402 30.35 8.57 -36.13
CA ASP B 402 30.54 9.22 -37.46
C ASP B 402 31.72 8.54 -38.18
N ALA B 403 31.67 8.49 -39.51
CA ALA B 403 32.80 7.91 -40.28
C ALA B 403 33.24 6.61 -39.61
N GLY B 404 32.29 5.82 -39.10
CA GLY B 404 32.64 4.58 -38.39
C GLY B 404 31.44 3.66 -38.25
N ARG B 405 31.69 2.38 -37.98
CA ARG B 405 30.60 1.39 -37.81
C ARG B 405 30.45 1.07 -36.32
N ASN B 406 31.34 0.24 -35.78
CA ASN B 406 31.24 -0.19 -34.36
C ASN B 406 32.59 0.03 -33.68
N ALA B 407 33.35 1.04 -34.16
CA ALA B 407 34.71 1.30 -33.62
C ALA B 407 34.63 1.67 -32.14
N VAL B 408 35.75 1.51 -31.41
CA VAL B 408 35.81 1.89 -29.97
C VAL B 408 37.10 2.69 -29.74
N ARG B 409 36.98 3.82 -29.04
CA ARG B 409 38.17 4.68 -28.75
C ARG B 409 38.29 4.88 -27.24
N VAL B 410 39.52 4.82 -26.72
CA VAL B 410 39.75 5.04 -25.26
C VAL B 410 39.91 6.54 -25.02
PG G2P C . 22.51 20.07 -30.80
O1G G2P C . 22.43 18.70 -31.46
O2G G2P C . 23.36 21.08 -31.58
O3G G2P C . 21.18 20.65 -30.31
O3B G2P C . 23.44 19.78 -29.39
PB G2P C . 22.88 19.35 -27.94
O1B G2P C . 21.58 20.03 -27.60
O2B G2P C . 23.98 19.42 -26.90
C3A G2P C . 22.57 17.55 -28.25
PA G2P C . 21.70 16.55 -27.01
O1A G2P C . 21.38 17.33 -25.76
O2A G2P C . 20.57 15.81 -27.67
O5' G2P C . 22.87 15.43 -26.65
C5' G2P C . 22.69 14.60 -25.54
C4' G2P C . 23.22 15.36 -24.34
O4' G2P C . 22.18 15.70 -23.43
C3' G2P C . 24.25 14.57 -23.53
O3' G2P C . 25.23 15.39 -22.96
C2' G2P C . 23.37 14.00 -22.41
O2' G2P C . 24.03 13.66 -21.22
C1' G2P C . 22.40 15.16 -22.18
N9 G2P C . 21.14 14.74 -21.61
C8 G2P C . 20.13 14.06 -22.24
N7 G2P C . 19.13 13.84 -21.45
C5 G2P C . 19.47 14.39 -20.26
C6 G2P C . 18.77 14.44 -19.03
O6 G2P C . 17.67 14.00 -18.75
N1 G2P C . 19.52 15.11 -18.05
C2 G2P C . 20.77 15.65 -18.24
N2 G2P C . 21.31 16.26 -17.16
N3 G2P C . 21.42 15.60 -19.36
C4 G2P C . 20.74 14.96 -20.33
PG G2P D . 2.75 1.36 16.29
O1G G2P D . 4.12 1.93 15.92
O2G G2P D . 2.71 0.77 17.70
O3G G2P D . 2.11 0.47 15.24
O3B G2P D . 1.76 2.75 16.42
PB G2P D . 1.81 3.88 17.56
O1B G2P D . 0.63 4.82 17.50
O2B G2P D . 2.16 3.29 18.92
C3A G2P D . 3.31 4.81 17.03
PA G2P D . 3.26 5.86 15.55
O1A G2P D . 4.58 5.96 14.84
O2A G2P D . 2.57 7.16 15.92
O5' G2P D . 2.19 4.96 14.67
C5' G2P D . 2.48 4.63 13.34
C4' G2P D . 3.60 3.60 13.33
O4' G2P D . 3.11 2.27 13.14
C3' G2P D . 4.59 3.85 12.20
O3' G2P D . 5.80 4.38 12.66
C2' G2P D . 4.87 2.45 11.65
O2' G2P D . 6.21 2.08 11.58
C1' G2P D . 4.11 1.50 12.59
N9 G2P D . 3.54 0.32 11.96
C8 G2P D . 2.46 -0.39 12.42
N7 G2P D . 2.17 -1.40 11.67
C5 G2P D . 3.08 -1.37 10.66
C6 G2P D . 3.25 -2.24 9.55
O6 G2P D . 2.60 -3.22 9.23
N1 G2P D . 4.34 -1.84 8.76
C2 G2P D . 5.15 -0.77 9.01
N2 G2P D . 6.14 -0.55 8.12
N3 G2P D . 4.99 0.03 10.02
C4 G2P D . 3.96 -0.31 10.82
MG MG E . 20.70 19.10 -29.02
PG G2P F . 23.23 8.36 -33.60
O1G G2P F . 23.87 8.92 -32.33
O2G G2P F . 23.52 6.87 -33.82
O3G G2P F . 23.38 9.21 -34.86
O3B G2P F . 21.55 8.36 -33.24
PB G2P F . 20.45 7.44 -33.97
O1B G2P F . 20.21 7.91 -35.38
O2B G2P F . 20.77 5.97 -33.79
C3A G2P F . 18.98 7.76 -32.90
PA G2P F . 18.65 9.34 -32.07
O1A G2P F . 19.90 9.98 -31.53
O2A G2P F . 17.75 10.18 -32.95
O5' G2P F . 17.73 8.77 -30.81
C5' G2P F . 16.42 9.22 -30.66
C4' G2P F . 15.51 8.38 -31.53
O4' G2P F . 15.17 7.15 -30.91
C3' G2P F . 14.17 9.05 -31.83
O3' G2P F . 13.55 8.54 -32.98
C2' G2P F . 13.35 8.59 -30.61
O2' G2P F . 11.97 8.58 -30.76
C1' G2P F . 13.88 7.16 -30.39
N9 G2P F . 13.93 6.81 -28.99
C8 G2P F . 14.79 7.28 -28.04
N7 G2P F . 14.57 6.78 -26.86
C5 G2P F . 13.51 5.94 -27.04
C6 G2P F . 12.84 5.11 -26.09
O6 G2P F . 13.06 4.97 -24.90
N1 G2P F . 11.80 4.40 -26.71
C2 G2P F . 11.45 4.47 -28.03
N2 G2P F . 10.41 3.69 -28.41
N3 G2P F . 12.08 5.23 -28.90
C4 G2P F . 13.09 5.94 -28.35
PG G2P G . -14.09 -8.13 1.17
O1G G2P G . -12.61 -7.84 1.33
O2G G2P G . -14.98 -7.28 2.08
O3G G2P G . -14.60 -8.24 -0.27
O3B G2P G . -14.26 -9.71 1.83
PB G2P G . -14.20 -11.12 1.05
O1B G2P G . -13.91 -12.27 1.97
O2B G2P G . -15.35 -11.25 0.08
C3A G2P G . -12.71 -10.82 -0.02
PA G2P G . -12.73 -11.25 -1.78
O1A G2P G . -13.77 -10.47 -2.55
O2A G2P G . -12.77 -12.76 -1.91
O5' G2P G . -11.23 -10.74 -2.21
C5' G2P G . -10.68 -9.62 -1.56
C4' G2P G . -11.27 -8.38 -2.20
O4' G2P G . -11.56 -7.38 -1.23
C3' G2P G . -10.31 -7.73 -3.20
O3' G2P G . -10.65 -8.02 -4.53
C2' G2P G . -10.54 -6.22 -2.98
O2' G2P G . -11.00 -5.50 -4.08
C1' G2P G . -11.56 -6.13 -1.83
N9 G2P G . -11.25 -5.12 -0.84
C8 G2P G . -11.43 -5.21 0.52
N7 G2P G . -11.06 -4.15 1.15
C5 G2P G . -10.62 -3.29 0.18
C6 G2P G . -10.11 -1.97 0.27
O6 G2P G . -9.93 -1.28 1.26
N1 G2P G . -9.79 -1.47 -1.00
C2 G2P G . -9.94 -2.14 -2.18
N2 G2P G . -9.56 -1.48 -3.30
N3 G2P G . -10.40 -3.35 -2.26
C4 G2P G . -10.74 -3.88 -1.07
MG MG H . 22.23 6.80 -32.15
#